data_6GZO
#
_entry.id   6GZO
#
_cell.length_a   167.320
_cell.length_b   167.320
_cell.length_c   192.810
_cell.angle_alpha   90.00
_cell.angle_beta   90.00
_cell.angle_gamma   120.00
#
_symmetry.space_group_name_H-M   'P 64 2 2'
#
loop_
_entity.id
_entity.type
_entity.pdbx_description
1 polymer 'Nicotinamide-nucleotide adenylyltransferase NadR family / Ribosylnicotinamide kinase'
2 non-polymer 'PHOSPHOAMINOPHOSPHONIC ACID-ADENYLATE ESTER'
3 non-polymer NICOTINAMIDE-ADENINE-DINUCLEOTIDE
4 non-polymer 'PHOSPHATE ION'
#
_entity_poly.entity_id   1
_entity_poly.type   'polypeptide(L)'
_entity_poly.pdbx_seq_one_letter_code
;MLTNNISKSKLSGKNIGIYFGTFAPLHTGHQQQIYKCASLNDGVLLVVSGYDNDRGAQIGLPLEKRFRYLREAFNDEENI
KVSMLNENDLPEMPNGWDEWANRLFELIHHNTLENDLSVTFYVGELEYAAELKKRFPADGNQYAVEIADRHDISLSATQI
RENPQEHWTHINRVFRRHFSKVVTVMGSASTGKTTLVRRLARSINAPFSEEYAREYEEAFNIDDDELKMDDYARMITGQY
DANSREVNSPANQGIVFLDTDAIVTRVYAKLYLPKEDFEQLEPLFRKTIADERMDLILVIPPITEYIDDGFRHMEWEESR
HEFHEELMRQLAEFGLLDKVVILDDEGDHRDQEGYLTRYHHAIDAVHEYTGVKIERLSY
;
_entity_poly.pdbx_strand_id   A,B
#
loop_
_chem_comp.id
_chem_comp.type
_chem_comp.name
_chem_comp.formula
ANP non-polymer 'PHOSPHOAMINOPHOSPHONIC ACID-ADENYLATE ESTER' 'C10 H17 N6 O12 P3'
NAD non-polymer NICOTINAMIDE-ADENINE-DINUCLEOTIDE 'C21 H27 N7 O14 P2'
PO4 non-polymer 'PHOSPHATE ION' 'O4 P -3'
#
# COMPACT_ATOMS: atom_id res chain seq x y z
N LYS A 8 -8.60 -4.83 -31.30
CA LYS A 8 -8.09 -4.71 -29.94
C LYS A 8 -8.21 -3.25 -29.43
N SER A 9 -8.40 -2.31 -30.36
CA SER A 9 -8.39 -0.89 -30.03
C SER A 9 -9.67 -0.16 -30.45
N LYS A 10 -10.68 -0.86 -30.96
CA LYS A 10 -12.02 -0.31 -31.10
C LYS A 10 -13.01 -1.21 -30.37
N LEU A 11 -14.07 -0.58 -29.82
CA LEU A 11 -14.97 -1.31 -28.94
C LEU A 11 -15.77 -2.36 -29.69
N SER A 12 -15.83 -3.54 -29.10
CA SER A 12 -16.26 -4.75 -29.80
C SER A 12 -17.77 -4.80 -29.93
N GLY A 13 -18.48 -4.82 -28.81
CA GLY A 13 -19.87 -5.23 -28.82
C GLY A 13 -20.85 -4.45 -29.68
N LYS A 14 -22.13 -4.86 -29.65
CA LYS A 14 -23.14 -4.18 -30.44
C LYS A 14 -23.89 -3.12 -29.64
N ASN A 15 -24.30 -3.41 -28.41
CA ASN A 15 -24.78 -2.34 -27.52
C ASN A 15 -23.71 -1.98 -26.50
N ILE A 16 -23.38 -0.70 -26.44
CA ILE A 16 -22.31 -0.21 -25.58
C ILE A 16 -22.83 0.99 -24.80
N GLY A 17 -22.15 1.31 -23.71
CA GLY A 17 -22.55 2.43 -22.90
C GLY A 17 -21.45 3.45 -22.76
N ILE A 18 -21.79 4.65 -22.32
CA ILE A 18 -20.89 5.79 -22.36
C ILE A 18 -20.90 6.48 -21.02
N TYR A 19 -19.71 6.80 -20.54
CA TYR A 19 -19.50 7.30 -19.19
C TYR A 19 -18.57 8.50 -19.28
N PHE A 20 -18.98 9.64 -18.72
CA PHE A 20 -18.20 10.86 -18.84
C PHE A 20 -17.45 11.19 -17.56
N GLY A 21 -16.45 12.09 -17.69
CA GLY A 21 -15.72 12.61 -16.54
C GLY A 21 -14.52 13.50 -16.84
N THR A 22 -14.19 14.41 -15.91
CA THR A 22 -12.90 15.10 -15.94
C THR A 22 -11.78 14.18 -15.42
N PHE A 23 -12.10 13.33 -14.44
CA PHE A 23 -11.19 12.31 -13.91
C PHE A 23 -9.90 12.90 -13.36
N ALA A 24 -10.04 13.88 -12.47
CA ALA A 24 -8.90 14.60 -11.87
C ALA A 24 -8.99 14.59 -10.35
N PRO A 25 -8.64 13.48 -9.69
CA PRO A 25 -8.14 12.25 -10.31
C PRO A 25 -9.23 11.23 -10.44
N LEU A 26 -8.93 10.17 -11.18
CA LEU A 26 -9.78 8.98 -11.16
C LEU A 26 -9.77 8.39 -9.76
N HIS A 27 -10.93 7.96 -9.28
CA HIS A 27 -10.95 7.36 -7.94
C HIS A 27 -11.96 6.22 -7.85
N THR A 28 -11.84 5.50 -6.73
CA THR A 28 -12.68 4.36 -6.38
C THR A 28 -14.15 4.54 -6.76
N GLY A 29 -14.69 5.70 -6.50
CA GLY A 29 -16.06 5.97 -6.86
C GLY A 29 -16.30 5.74 -8.34
N HIS A 30 -15.55 6.46 -9.18
CA HIS A 30 -15.60 6.27 -10.64
C HIS A 30 -15.55 4.80 -11.00
N GLN A 31 -14.51 4.11 -10.53
CA GLN A 31 -14.28 2.73 -10.93
C GLN A 31 -15.48 1.87 -10.56
N GLN A 32 -16.05 2.08 -9.36
CA GLN A 32 -17.22 1.32 -8.98
C GLN A 32 -18.38 1.57 -9.94
N GLN A 33 -18.58 2.83 -10.34
CA GLN A 33 -19.64 3.13 -11.29
C GLN A 33 -19.34 2.57 -12.67
N ILE A 34 -18.05 2.46 -13.01
CA ILE A 34 -17.66 2.00 -14.35
C ILE A 34 -17.80 0.49 -14.50
N TYR A 35 -17.40 -0.28 -13.48
CA TYR A 35 -17.56 -1.73 -13.57
C TYR A 35 -19.02 -2.15 -13.47
N LYS A 36 -19.85 -1.41 -12.73
CA LYS A 36 -21.30 -1.62 -12.83
C LYS A 36 -21.75 -1.32 -14.25
N CYS A 37 -21.14 -0.30 -14.84
CA CYS A 37 -21.52 0.12 -16.17
C CYS A 37 -21.04 -0.88 -17.22
N ALA A 38 -19.89 -1.51 -16.95
CA ALA A 38 -19.35 -2.51 -17.87
C ALA A 38 -20.19 -3.77 -17.86
N SER A 39 -20.64 -4.18 -16.68
CA SER A 39 -21.43 -5.41 -16.55
C SER A 39 -22.82 -5.26 -17.12
N LEU A 40 -23.24 -4.05 -17.44
CA LEU A 40 -24.56 -3.87 -18.04
C LEU A 40 -24.50 -3.78 -19.55
N ASN A 41 -23.33 -3.52 -20.13
CA ASN A 41 -23.21 -3.45 -21.57
C ASN A 41 -22.17 -4.43 -22.08
N ASP A 42 -22.02 -4.44 -23.41
CA ASP A 42 -20.98 -5.23 -24.07
C ASP A 42 -19.66 -4.47 -24.07
N GLY A 43 -19.70 -3.14 -24.01
CA GLY A 43 -18.50 -2.34 -23.88
C GLY A 43 -18.83 -0.97 -23.33
N VAL A 44 -17.81 -0.30 -22.82
CA VAL A 44 -17.97 0.99 -22.16
C VAL A 44 -16.96 1.96 -22.77
N LEU A 45 -17.45 3.12 -23.19
CA LEU A 45 -16.60 4.18 -23.72
C LEU A 45 -16.51 5.28 -22.67
N LEU A 46 -15.37 5.36 -21.98
CA LEU A 46 -15.05 6.51 -21.13
C LEU A 46 -14.69 7.74 -21.96
N VAL A 47 -15.16 8.90 -21.50
CA VAL A 47 -14.95 10.16 -22.20
C VAL A 47 -14.33 11.11 -21.19
N VAL A 48 -13.03 11.38 -21.33
CA VAL A 48 -12.37 12.38 -20.50
C VAL A 48 -12.58 13.73 -21.13
N SER A 49 -13.06 14.67 -20.34
CA SER A 49 -13.33 16.00 -20.86
C SER A 49 -12.36 16.98 -20.23
N GLY A 50 -11.92 17.96 -21.00
CA GLY A 50 -10.96 18.92 -20.49
C GLY A 50 -10.91 20.13 -21.38
N TYR A 51 -10.54 21.25 -20.77
CA TYR A 51 -10.26 22.49 -21.48
C TYR A 51 -8.97 23.06 -20.90
N ASP A 52 -8.45 24.09 -21.57
CA ASP A 52 -7.02 24.37 -21.48
C ASP A 52 -6.58 24.97 -20.15
N ASN A 53 -7.48 25.35 -19.26
CA ASN A 53 -7.01 25.67 -17.92
C ASN A 53 -7.99 25.19 -16.85
N ASP A 54 -8.55 23.99 -17.03
CA ASP A 54 -9.64 23.56 -16.16
C ASP A 54 -9.14 23.21 -14.76
N ARG A 55 -10.09 22.89 -13.87
CA ARG A 55 -9.75 22.51 -12.50
C ARG A 55 -8.60 21.53 -12.50
N GLY A 56 -8.69 20.49 -13.34
CA GLY A 56 -7.64 19.49 -13.39
C GLY A 56 -6.30 20.08 -13.79
N ALA A 57 -6.28 20.82 -14.91
CA ALA A 57 -5.04 21.37 -15.41
C ALA A 57 -4.36 22.27 -14.38
N GLN A 58 -5.15 23.04 -13.61
CA GLN A 58 -4.60 23.98 -12.65
C GLN A 58 -3.72 23.30 -11.60
N ILE A 59 -4.03 22.05 -11.24
CA ILE A 59 -3.26 21.33 -10.23
C ILE A 59 -2.23 20.39 -10.84
N GLY A 60 -2.03 20.47 -12.16
CA GLY A 60 -1.01 19.69 -12.82
C GLY A 60 -1.47 18.40 -13.44
N LEU A 61 -2.76 18.29 -13.76
CA LEU A 61 -3.31 17.14 -14.46
C LEU A 61 -4.11 17.65 -15.64
N PRO A 62 -3.43 18.17 -16.66
CA PRO A 62 -4.15 18.65 -17.85
C PRO A 62 -4.82 17.49 -18.58
N LEU A 63 -5.72 17.87 -19.48
CA LEU A 63 -6.56 16.90 -20.16
C LEU A 63 -5.75 15.75 -20.75
N GLU A 64 -4.62 16.06 -21.39
CA GLU A 64 -3.78 15.01 -21.95
C GLU A 64 -3.22 14.11 -20.86
N LYS A 65 -2.69 14.73 -19.80
CA LYS A 65 -2.10 13.97 -18.66
C LYS A 65 -3.18 13.04 -18.09
N ARG A 66 -4.41 13.53 -17.99
CA ARG A 66 -5.53 12.74 -17.48
C ARG A 66 -5.84 11.60 -18.42
N PHE A 67 -5.92 11.90 -19.73
CA PHE A 67 -6.16 10.91 -20.76
C PHE A 67 -5.13 9.79 -20.74
N ARG A 68 -3.86 10.16 -20.72
CA ARG A 68 -2.80 9.16 -20.72
C ARG A 68 -2.89 8.30 -19.47
N TYR A 69 -3.00 8.95 -18.31
CA TYR A 69 -3.11 8.19 -17.07
C TYR A 69 -4.33 7.26 -17.12
N LEU A 70 -5.42 7.73 -17.72
CA LEU A 70 -6.60 6.90 -17.83
C LEU A 70 -6.37 5.72 -18.77
N ARG A 71 -5.71 5.93 -19.90
CA ARG A 71 -5.37 4.82 -20.79
C ARG A 71 -4.58 3.76 -20.03
N GLU A 72 -3.58 4.20 -19.27
CA GLU A 72 -2.79 3.27 -18.47
C GLU A 72 -3.64 2.59 -17.41
N ALA A 73 -4.60 3.31 -16.82
CA ALA A 73 -5.38 2.75 -15.73
C ALA A 73 -6.25 1.59 -16.21
N PHE A 74 -6.76 1.67 -17.43
CA PHE A 74 -7.57 0.60 -18.00
C PHE A 74 -6.79 -0.21 -19.05
N ASN A 75 -5.47 -0.35 -18.84
CA ASN A 75 -4.60 -0.90 -19.88
C ASN A 75 -4.77 -2.39 -20.11
N ASP A 76 -5.65 -3.07 -19.37
CA ASP A 76 -5.86 -4.51 -19.58
C ASP A 76 -7.33 -4.86 -19.64
N GLU A 77 -8.21 -3.86 -19.77
CA GLU A 77 -9.63 -4.07 -19.90
C GLU A 77 -9.96 -4.03 -21.39
N GLU A 78 -10.23 -5.21 -21.96
CA GLU A 78 -10.51 -5.29 -23.38
C GLU A 78 -11.72 -4.43 -23.78
N ASN A 79 -12.82 -4.56 -23.05
CA ASN A 79 -14.07 -3.95 -23.50
C ASN A 79 -14.31 -2.56 -22.90
N ILE A 80 -13.25 -1.84 -22.56
CA ILE A 80 -13.35 -0.45 -22.08
C ILE A 80 -12.34 0.39 -22.85
N LYS A 81 -12.83 1.42 -23.53
CA LYS A 81 -11.96 2.30 -24.29
C LYS A 81 -12.00 3.69 -23.68
N VAL A 82 -10.86 4.38 -23.70
CA VAL A 82 -10.75 5.72 -23.13
C VAL A 82 -10.68 6.71 -24.29
N SER A 83 -11.50 7.74 -24.25
CA SER A 83 -11.51 8.77 -25.28
C SER A 83 -11.36 10.12 -24.62
N MET A 84 -11.06 11.12 -25.46
CA MET A 84 -10.72 12.47 -25.02
C MET A 84 -11.65 13.41 -25.78
N LEU A 85 -12.42 14.21 -25.05
CA LEU A 85 -13.32 15.22 -25.61
C LEU A 85 -12.75 16.59 -25.25
N ASN A 86 -12.04 17.19 -26.20
CA ASN A 86 -11.35 18.45 -25.94
C ASN A 86 -12.33 19.60 -26.16
N GLU A 87 -12.48 20.45 -25.13
CA GLU A 87 -13.52 21.48 -25.08
C GLU A 87 -12.88 22.87 -25.23
N ASN A 88 -12.73 23.36 -26.48
CA ASN A 88 -12.24 24.74 -26.65
C ASN A 88 -13.14 25.47 -27.69
N ASP A 89 -14.32 25.86 -27.22
CA ASP A 89 -15.47 26.34 -28.01
C ASP A 89 -16.28 27.33 -27.18
N LEU A 90 -17.50 27.64 -27.65
CA LEU A 90 -18.36 28.67 -27.05
C LEU A 90 -18.92 28.28 -25.68
N PRO A 91 -19.11 29.29 -24.78
CA PRO A 91 -19.70 29.05 -23.44
C PRO A 91 -21.22 28.86 -23.44
N GLU A 92 -21.82 28.91 -22.24
CA GLU A 92 -23.22 28.64 -21.89
C GLU A 92 -24.37 29.14 -22.78
N MET A 93 -24.15 30.12 -23.64
CA MET A 93 -25.26 30.43 -24.55
C MET A 93 -24.85 30.10 -25.98
N PRO A 94 -24.49 28.85 -26.26
CA PRO A 94 -23.92 28.55 -27.57
C PRO A 94 -24.93 27.92 -28.54
N ASN A 95 -24.63 28.03 -29.83
CA ASN A 95 -24.89 26.92 -30.73
C ASN A 95 -23.90 25.79 -30.48
N GLY A 96 -22.79 26.09 -29.79
CA GLY A 96 -21.77 25.18 -29.31
C GLY A 96 -22.21 23.84 -28.75
N TRP A 97 -23.38 23.75 -28.12
CA TRP A 97 -23.92 22.43 -27.85
C TRP A 97 -24.07 21.63 -29.15
N ASP A 98 -24.53 22.29 -30.24
CA ASP A 98 -24.53 21.62 -31.54
C ASP A 98 -23.15 21.04 -31.84
N GLU A 99 -22.09 21.82 -31.54
CA GLU A 99 -20.72 21.44 -31.88
C GLU A 99 -20.11 20.47 -30.86
N TRP A 100 -20.26 20.75 -29.55
CA TRP A 100 -19.85 19.78 -28.54
C TRP A 100 -20.49 18.42 -28.77
N ALA A 101 -21.72 18.40 -29.29
CA ALA A 101 -22.39 17.13 -29.56
C ALA A 101 -21.61 16.32 -30.57
N ASN A 102 -21.42 16.87 -31.78
CA ASN A 102 -20.76 16.08 -32.81
C ASN A 102 -19.26 16.00 -32.64
N ARG A 103 -18.66 16.75 -31.71
CA ARG A 103 -17.33 16.35 -31.21
C ARG A 103 -17.43 15.01 -30.51
N LEU A 104 -18.44 14.88 -29.64
CA LEU A 104 -18.67 13.64 -28.89
C LEU A 104 -19.12 12.50 -29.80
N PHE A 105 -19.98 12.77 -30.78
CA PHE A 105 -20.39 11.68 -31.66
C PHE A 105 -19.28 11.28 -32.61
N GLU A 106 -18.30 12.17 -32.84
CA GLU A 106 -17.10 11.74 -33.54
C GLU A 106 -16.36 10.70 -32.72
N LEU A 107 -16.20 10.92 -31.41
CA LEU A 107 -15.55 9.92 -30.56
C LEU A 107 -16.25 8.57 -30.67
N ILE A 108 -17.58 8.56 -30.76
CA ILE A 108 -18.27 7.30 -30.76
C ILE A 108 -18.03 6.57 -32.08
N HIS A 109 -18.13 7.29 -33.19
CA HIS A 109 -17.99 6.64 -34.49
C HIS A 109 -16.59 6.07 -34.66
N HIS A 110 -15.57 6.78 -34.18
CA HIS A 110 -14.20 6.33 -34.42
C HIS A 110 -13.82 5.16 -33.54
N ASN A 111 -14.33 5.10 -32.30
CA ASN A 111 -13.89 4.11 -31.32
C ASN A 111 -14.85 2.90 -31.24
N THR A 112 -15.67 2.69 -32.27
CA THR A 112 -16.56 1.54 -32.34
C THR A 112 -16.43 0.89 -33.72
N LEU A 113 -16.64 -0.42 -33.77
CA LEU A 113 -17.02 -1.14 -34.98
C LEU A 113 -18.54 -1.16 -35.08
N GLU A 114 -19.09 -2.06 -35.88
CA GLU A 114 -20.42 -2.62 -35.66
C GLU A 114 -21.52 -1.55 -35.68
N ASN A 115 -21.79 -1.03 -36.88
CA ASN A 115 -22.95 -0.15 -37.04
C ASN A 115 -24.23 -0.86 -36.57
N ASP A 116 -25.30 -0.06 -36.47
CA ASP A 116 -26.54 -0.47 -35.81
C ASP A 116 -26.28 -0.77 -34.34
N LEU A 117 -25.69 0.21 -33.65
CA LEU A 117 -25.33 0.07 -32.25
C LEU A 117 -26.55 0.24 -31.36
N SER A 118 -26.32 0.21 -30.04
CA SER A 118 -27.35 0.56 -29.06
C SER A 118 -26.67 1.25 -27.89
N VAL A 119 -26.59 2.56 -27.97
CA VAL A 119 -25.78 3.37 -27.06
C VAL A 119 -26.62 3.81 -25.89
N THR A 120 -26.03 3.71 -24.68
CA THR A 120 -26.63 4.24 -23.46
C THR A 120 -25.69 5.29 -22.88
N PHE A 121 -26.15 6.52 -22.84
CA PHE A 121 -25.42 7.57 -22.17
C PHE A 121 -25.77 7.53 -20.68
N TYR A 122 -24.76 7.67 -19.82
CA TYR A 122 -24.93 7.67 -18.38
C TYR A 122 -24.52 9.05 -17.93
N VAL A 123 -25.47 9.98 -17.88
CA VAL A 123 -25.15 11.36 -17.60
C VAL A 123 -25.70 11.71 -16.22
N GLY A 124 -24.99 12.59 -15.52
CA GLY A 124 -25.25 12.85 -14.12
C GLY A 124 -25.65 14.29 -13.89
N GLU A 125 -25.60 15.10 -14.94
CA GLU A 125 -26.07 16.47 -14.92
C GLU A 125 -27.32 16.55 -15.77
N LEU A 126 -28.35 17.21 -15.25
CA LEU A 126 -29.61 17.15 -15.99
C LEU A 126 -29.56 18.00 -17.24
N GLU A 127 -28.84 19.14 -17.23
CA GLU A 127 -28.83 19.92 -18.46
C GLU A 127 -28.13 19.17 -19.59
N TYR A 128 -27.16 18.33 -19.26
CA TYR A 128 -26.50 17.58 -20.32
C TYR A 128 -27.48 16.64 -20.99
N ALA A 129 -28.23 15.86 -20.19
CA ALA A 129 -29.24 14.98 -20.77
C ALA A 129 -30.27 15.76 -21.59
N ALA A 130 -30.55 17.01 -21.22
CA ALA A 130 -31.55 17.75 -21.96
C ALA A 130 -31.01 18.23 -23.29
N GLU A 131 -29.77 18.73 -23.31
CA GLU A 131 -29.18 19.21 -24.56
C GLU A 131 -28.68 18.06 -25.42
N LEU A 132 -28.28 16.95 -24.79
CA LEU A 132 -27.84 15.78 -25.54
C LEU A 132 -28.98 15.10 -26.29
N LYS A 133 -30.14 14.93 -25.64
CA LYS A 133 -31.27 14.32 -26.34
C LYS A 133 -31.72 15.10 -27.55
N LYS A 134 -31.44 16.41 -27.61
CA LYS A 134 -31.84 17.15 -28.81
C LYS A 134 -30.96 16.82 -30.01
N ARG A 135 -29.75 16.32 -29.77
CA ARG A 135 -28.71 16.20 -30.79
C ARG A 135 -28.31 14.75 -31.04
N PHE A 136 -29.25 13.82 -31.13
CA PHE A 136 -28.85 12.49 -31.59
C PHE A 136 -28.70 12.51 -33.11
N PRO A 137 -27.60 12.00 -33.65
CA PRO A 137 -27.39 12.03 -35.10
C PRO A 137 -28.13 10.90 -35.81
N ALA A 138 -28.23 11.05 -37.12
CA ALA A 138 -29.00 10.13 -37.96
C ALA A 138 -28.13 9.04 -38.58
N ASP A 139 -27.39 8.33 -37.73
CA ASP A 139 -26.75 7.07 -38.08
C ASP A 139 -27.75 5.94 -37.83
N GLY A 140 -27.28 4.70 -37.73
CA GLY A 140 -28.23 3.66 -37.44
C GLY A 140 -28.19 3.20 -35.99
N ASN A 141 -28.05 4.11 -35.01
CA ASN A 141 -27.66 3.64 -33.69
C ASN A 141 -28.72 3.79 -32.61
N GLN A 142 -29.61 4.79 -32.68
CA GLN A 142 -30.67 4.95 -31.69
C GLN A 142 -30.11 5.00 -30.26
N TYR A 143 -29.54 6.16 -29.92
CA TYR A 143 -29.02 6.46 -28.60
C TYR A 143 -30.13 6.62 -27.55
N ALA A 144 -29.82 6.25 -26.31
CA ALA A 144 -30.70 6.40 -25.16
C ALA A 144 -29.93 6.95 -23.95
N VAL A 145 -30.62 7.76 -23.13
CA VAL A 145 -29.99 8.46 -22.00
C VAL A 145 -30.53 7.94 -20.66
N GLU A 146 -29.64 7.57 -19.76
CA GLU A 146 -29.95 7.23 -18.37
C GLU A 146 -29.23 8.17 -17.42
N ILE A 147 -29.78 8.36 -16.23
CA ILE A 147 -29.21 9.30 -15.28
C ILE A 147 -28.39 8.55 -14.25
N ALA A 148 -27.28 9.16 -13.84
CA ALA A 148 -26.34 8.59 -12.90
C ALA A 148 -26.16 9.54 -11.70
N ASP A 149 -26.02 8.95 -10.51
CA ASP A 149 -25.81 9.72 -9.29
C ASP A 149 -24.34 10.10 -9.16
N ARG A 150 -23.99 11.31 -9.62
CA ARG A 150 -22.63 11.81 -9.44
C ARG A 150 -22.52 12.79 -8.27
N HIS A 151 -23.56 12.87 -7.44
N HIS A 151 -23.55 12.87 -7.42
CA HIS A 151 -23.51 13.70 -6.24
CA HIS A 151 -23.47 13.75 -6.25
C HIS A 151 -22.31 13.32 -5.38
C HIS A 151 -22.29 13.34 -5.38
N ASP A 152 -22.12 12.04 -5.14
CA ASP A 152 -21.04 11.58 -4.28
C ASP A 152 -19.69 11.58 -4.99
N ILE A 153 -19.70 11.26 -6.28
CA ILE A 153 -18.46 11.03 -7.00
C ILE A 153 -17.74 12.34 -7.31
N SER A 154 -18.47 13.35 -7.78
CA SER A 154 -17.84 14.65 -7.93
C SER A 154 -17.44 15.23 -6.59
N LEU A 155 -18.19 14.89 -5.54
CA LEU A 155 -17.85 15.42 -4.22
C LEU A 155 -16.60 14.76 -3.65
N SER A 156 -16.40 13.46 -3.89
CA SER A 156 -15.14 12.83 -3.46
C SER A 156 -13.94 13.42 -4.18
N ALA A 157 -14.04 13.62 -5.49
CA ALA A 157 -12.93 14.22 -6.22
C ALA A 157 -12.59 15.58 -5.63
N THR A 158 -13.59 16.34 -5.20
CA THR A 158 -13.31 17.64 -4.59
C THR A 158 -12.43 17.49 -3.35
N GLN A 159 -12.75 16.51 -2.50
CA GLN A 159 -11.97 16.30 -1.27
C GLN A 159 -10.58 15.78 -1.55
N ILE A 160 -10.45 14.87 -2.52
CA ILE A 160 -9.14 14.30 -2.83
C ILE A 160 -8.18 15.39 -3.29
N ARG A 161 -8.63 16.26 -4.19
CA ARG A 161 -7.77 17.37 -4.62
C ARG A 161 -7.38 18.25 -3.42
N GLU A 162 -8.29 18.43 -2.45
CA GLU A 162 -8.03 19.32 -1.33
C GLU A 162 -7.11 18.70 -0.29
N ASN A 163 -7.48 17.53 0.25
CA ASN A 163 -6.63 16.80 1.18
C ASN A 163 -6.31 15.43 0.57
N PRO A 164 -5.22 15.31 -0.20
CA PRO A 164 -4.89 14.02 -0.82
C PRO A 164 -4.53 12.89 0.14
N GLN A 165 -3.65 13.14 1.12
N GLN A 165 -3.63 13.11 1.11
CA GLN A 165 -3.24 12.06 2.01
CA GLN A 165 -3.27 11.96 1.94
C GLN A 165 -4.37 11.61 2.93
C GLN A 165 -4.42 11.53 2.86
N GLU A 166 -5.51 12.29 2.92
CA GLU A 166 -6.65 11.89 3.72
C GLU A 166 -7.52 10.87 3.00
N HIS A 167 -7.54 10.88 1.66
CA HIS A 167 -8.32 9.94 0.90
C HIS A 167 -7.45 9.06 0.00
N TRP A 168 -6.19 8.88 0.39
CA TRP A 168 -5.19 8.25 -0.45
C TRP A 168 -5.67 6.91 -1.01
N THR A 169 -6.22 6.05 -0.16
CA THR A 169 -6.54 4.70 -0.62
C THR A 169 -7.61 4.67 -1.71
N HIS A 170 -8.40 5.73 -1.87
CA HIS A 170 -9.37 5.75 -2.96
C HIS A 170 -8.82 6.36 -4.24
N ILE A 171 -7.71 7.07 -4.18
CA ILE A 171 -7.07 7.54 -5.42
C ILE A 171 -6.54 6.33 -6.18
N ASN A 172 -6.91 6.25 -7.45
CA ASN A 172 -6.42 5.21 -8.35
C ASN A 172 -4.90 5.26 -8.43
N ARG A 173 -4.27 4.08 -8.51
CA ARG A 173 -2.83 4.01 -8.30
C ARG A 173 -2.04 4.81 -9.35
N VAL A 174 -2.54 4.90 -10.58
CA VAL A 174 -1.83 5.68 -11.60
C VAL A 174 -1.70 7.14 -11.19
N PHE A 175 -2.74 7.71 -10.59
CA PHE A 175 -2.68 9.12 -10.19
C PHE A 175 -1.93 9.35 -8.87
N ARG A 176 -1.56 8.32 -8.14
CA ARG A 176 -1.03 8.55 -6.79
C ARG A 176 0.33 9.23 -6.81
N ARG A 177 1.17 8.85 -7.77
CA ARG A 177 2.55 9.41 -7.88
C ARG A 177 2.52 10.94 -7.97
N HIS A 178 1.40 11.51 -8.42
CA HIS A 178 1.26 12.94 -8.57
C HIS A 178 0.87 13.63 -7.27
N PHE A 179 0.19 12.92 -6.37
CA PHE A 179 -0.25 13.51 -5.10
C PHE A 179 0.68 13.20 -3.92
N SER A 180 1.76 12.49 -4.13
CA SER A 180 2.58 12.04 -3.01
C SER A 180 3.36 13.18 -2.40
N LYS A 181 3.31 13.31 -1.07
CA LYS A 181 4.25 14.20 -0.39
C LYS A 181 5.65 13.59 -0.44
N VAL A 182 6.67 14.45 -0.51
CA VAL A 182 8.05 14.00 -0.65
C VAL A 182 8.90 14.77 0.35
N VAL A 183 9.54 14.04 1.26
CA VAL A 183 10.55 14.57 2.18
C VAL A 183 11.91 14.02 1.78
N THR A 184 12.88 14.91 1.61
CA THR A 184 14.24 14.56 1.21
C THR A 184 15.19 15.00 2.30
N VAL A 185 16.10 14.12 2.68
CA VAL A 185 17.16 14.46 3.62
C VAL A 185 18.44 14.68 2.84
N MET A 186 19.19 15.71 3.22
CA MET A 186 20.46 16.05 2.58
C MET A 186 21.50 16.31 3.66
N GLY A 187 22.74 15.90 3.42
CA GLY A 187 23.77 16.11 4.41
C GLY A 187 25.06 15.44 4.03
N SER A 188 26.06 15.65 4.88
CA SER A 188 27.42 15.21 4.56
C SER A 188 27.56 13.71 4.72
N ALA A 189 28.80 13.25 4.79
CA ALA A 189 28.96 11.91 5.31
C ALA A 189 28.76 11.85 6.87
N SER A 190 28.24 12.94 7.46
CA SER A 190 27.65 12.92 8.79
C SER A 190 26.38 12.10 8.70
N THR A 191 26.55 10.82 8.36
CA THR A 191 25.44 10.00 7.92
C THR A 191 24.71 9.44 9.12
N GLY A 192 24.34 10.33 10.04
CA GLY A 192 23.15 10.01 10.75
C GLY A 192 21.95 10.00 9.84
N LYS A 193 22.08 10.63 8.66
CA LYS A 193 20.97 10.79 7.74
C LYS A 193 20.35 9.45 7.40
N THR A 194 21.15 8.41 7.19
CA THR A 194 20.52 7.15 6.84
C THR A 194 19.74 6.58 8.02
N THR A 195 20.26 6.68 9.24
CA THR A 195 19.47 6.26 10.39
C THR A 195 18.29 7.18 10.65
N LEU A 196 18.46 8.47 10.39
CA LEU A 196 17.36 9.39 10.57
C LEU A 196 16.25 9.10 9.56
N VAL A 197 16.61 8.81 8.31
CA VAL A 197 15.60 8.56 7.28
C VAL A 197 14.77 7.34 7.63
N ARG A 198 15.42 6.26 8.06
CA ARG A 198 14.67 5.08 8.46
C ARG A 198 13.74 5.40 9.62
N ARG A 199 14.30 5.96 10.70
CA ARG A 199 13.51 6.21 11.90
C ARG A 199 12.29 7.10 11.61
N LEU A 200 12.41 8.11 10.75
CA LEU A 200 11.24 8.88 10.34
C LEU A 200 10.20 7.99 9.65
N ALA A 201 10.61 7.33 8.56
CA ALA A 201 9.64 6.56 7.77
C ALA A 201 9.01 5.43 8.57
N ARG A 202 9.80 4.69 9.35
CA ARG A 202 9.24 3.55 10.08
C ARG A 202 8.33 3.98 11.21
N SER A 203 8.39 5.25 11.63
CA SER A 203 7.49 5.73 12.65
C SER A 203 6.11 6.07 12.10
N ILE A 204 5.96 6.19 10.79
CA ILE A 204 4.65 6.44 10.20
C ILE A 204 4.39 5.46 9.07
N ASN A 205 5.08 4.31 9.09
CA ASN A 205 4.85 3.24 8.12
C ASN A 205 5.06 3.69 6.68
N ALA A 206 5.96 4.72 6.44
CA ALA A 206 6.29 5.28 5.13
C ALA A 206 7.43 4.52 4.47
N PRO A 207 7.51 4.53 3.14
CA PRO A 207 8.68 3.98 2.44
C PRO A 207 9.82 4.98 2.32
N PHE A 208 11.02 4.45 2.13
CA PHE A 208 12.17 5.33 1.97
C PHE A 208 13.19 4.71 1.02
N SER A 209 13.95 5.58 0.36
CA SER A 209 15.08 5.24 -0.48
C SER A 209 16.38 5.21 0.34
N GLU A 210 17.46 4.73 -0.29
CA GLU A 210 18.79 4.70 0.31
C GLU A 210 19.77 5.46 -0.56
N GLU A 211 20.90 5.83 0.06
CA GLU A 211 21.91 6.60 -0.65
C GLU A 211 22.47 5.80 -1.82
N TYR A 212 22.22 6.23 -3.06
CA TYR A 212 22.68 5.45 -4.20
C TYR A 212 24.21 5.38 -4.22
N ALA A 213 24.89 6.49 -3.87
CA ALA A 213 26.35 6.52 -3.87
C ALA A 213 26.94 5.38 -3.06
N ARG A 214 26.39 5.10 -1.88
CA ARG A 214 26.89 3.99 -1.08
C ARG A 214 26.83 2.70 -1.87
N GLU A 215 25.71 2.44 -2.54
CA GLU A 215 25.54 1.20 -3.27
C GLU A 215 26.42 1.16 -4.50
N TYR A 216 26.48 2.28 -5.23
CA TYR A 216 27.35 2.38 -6.39
C TYR A 216 28.80 2.07 -6.02
N GLU A 217 29.31 2.75 -4.98
CA GLU A 217 30.72 2.57 -4.63
C GLU A 217 31.02 1.13 -4.21
N GLU A 218 30.08 0.49 -3.51
CA GLU A 218 30.32 -0.87 -3.06
C GLU A 218 30.27 -1.86 -4.23
N ALA A 219 29.29 -1.72 -5.12
CA ALA A 219 29.12 -2.68 -6.19
C ALA A 219 30.26 -2.60 -7.19
N PHE A 220 30.59 -1.38 -7.63
CA PHE A 220 31.68 -1.17 -8.57
C PHE A 220 33.04 -1.09 -7.89
N ASN A 221 33.04 -1.07 -6.55
CA ASN A 221 34.25 -1.20 -5.73
C ASN A 221 35.25 -0.07 -5.97
N ILE A 222 34.80 1.17 -5.70
CA ILE A 222 35.71 2.32 -5.75
C ILE A 222 35.44 3.30 -4.61
N ASP A 223 36.53 3.82 -4.04
CA ASP A 223 36.51 4.81 -2.96
C ASP A 223 36.06 6.16 -3.50
N ASP A 224 35.88 7.13 -2.59
CA ASP A 224 35.31 8.41 -3.01
C ASP A 224 36.25 9.17 -3.93
N ASP A 225 37.56 9.13 -3.62
CA ASP A 225 38.56 9.84 -4.41
C ASP A 225 38.70 9.28 -5.83
N GLU A 226 38.29 8.04 -6.06
CA GLU A 226 38.43 7.42 -7.37
C GLU A 226 37.25 7.71 -8.29
N LEU A 227 36.20 8.36 -7.79
CA LEU A 227 35.05 8.70 -8.63
C LEU A 227 35.46 9.70 -9.71
N LYS A 228 34.91 9.52 -10.91
CA LYS A 228 35.20 10.40 -12.02
C LYS A 228 33.90 10.93 -12.61
N MET A 229 34.03 11.84 -13.58
CA MET A 229 32.89 12.46 -14.22
C MET A 229 31.90 11.43 -14.76
N ASP A 230 32.42 10.38 -15.39
CA ASP A 230 31.57 9.32 -15.91
C ASP A 230 30.79 8.64 -14.79
N ASP A 231 31.30 8.66 -13.55
CA ASP A 231 30.68 7.99 -12.41
C ASP A 231 29.63 8.86 -11.73
N TYR A 232 29.88 10.18 -11.65
CA TYR A 232 28.86 11.07 -11.09
C TYR A 232 27.59 11.04 -11.94
N ALA A 233 27.74 11.02 -13.26
CA ALA A 233 26.56 10.90 -14.10
C ALA A 233 25.81 9.60 -13.82
N ARG A 234 26.52 8.48 -13.64
CA ARG A 234 25.83 7.23 -13.29
C ARG A 234 25.17 7.32 -11.92
N MET A 235 25.69 8.15 -11.02
CA MET A 235 25.08 8.31 -9.71
C MET A 235 23.88 9.25 -9.75
N ILE A 236 23.85 10.21 -10.66
CA ILE A 236 22.68 11.07 -10.79
C ILE A 236 21.46 10.25 -11.14
N THR A 237 21.53 9.53 -12.26
CA THR A 237 20.40 8.74 -12.70
C THR A 237 20.14 7.56 -11.78
N GLY A 238 21.17 7.06 -11.11
CA GLY A 238 20.96 5.99 -10.16
C GLY A 238 20.07 6.42 -9.00
N GLN A 239 20.46 7.53 -8.35
CA GLN A 239 19.70 8.05 -7.22
C GLN A 239 18.29 8.43 -7.63
N TYR A 240 18.14 9.07 -8.79
CA TYR A 240 16.82 9.47 -9.24
C TYR A 240 15.91 8.28 -9.41
N ASP A 241 16.41 7.25 -10.09
CA ASP A 241 15.59 6.07 -10.32
C ASP A 241 15.19 5.43 -9.00
N ALA A 242 16.11 5.41 -8.03
CA ALA A 242 15.81 4.90 -6.70
C ALA A 242 14.72 5.72 -6.03
N ASN A 243 14.79 7.03 -6.16
CA ASN A 243 13.78 7.89 -5.57
C ASN A 243 12.44 7.72 -6.29
N SER A 244 12.45 7.74 -7.64
CA SER A 244 11.23 7.46 -8.38
C SER A 244 10.62 6.15 -7.95
N ARG A 245 11.44 5.12 -7.80
CA ARG A 245 10.91 3.81 -7.45
C ARG A 245 10.12 3.87 -6.15
N GLU A 246 10.59 4.68 -5.18
CA GLU A 246 9.85 4.77 -3.91
C GLU A 246 8.60 5.63 -4.03
N VAL A 247 8.70 6.82 -4.65
CA VAL A 247 7.53 7.66 -4.84
C VAL A 247 6.42 6.88 -5.53
N ASN A 248 6.78 6.05 -6.51
CA ASN A 248 5.81 5.24 -7.22
C ASN A 248 5.60 3.89 -6.58
N SER A 249 6.09 3.70 -5.35
CA SER A 249 6.03 2.38 -4.74
C SER A 249 4.59 2.04 -4.36
N PRO A 250 4.17 0.79 -4.55
CA PRO A 250 2.83 0.39 -4.09
C PRO A 250 2.68 0.48 -2.59
N ALA A 251 3.77 0.51 -1.85
CA ALA A 251 3.72 0.66 -0.39
C ALA A 251 3.77 2.12 0.05
N ASN A 252 3.82 3.06 -0.89
CA ASN A 252 3.57 4.45 -0.56
C ASN A 252 2.16 4.63 0.02
N GLN A 253 2.07 5.26 1.20
CA GLN A 253 0.79 5.49 1.85
C GLN A 253 0.35 6.95 1.74
N GLY A 254 1.17 7.77 1.09
CA GLY A 254 0.83 9.16 0.88
C GLY A 254 2.02 10.07 1.01
N ILE A 255 3.02 9.67 1.79
CA ILE A 255 4.30 10.36 1.87
C ILE A 255 5.40 9.32 1.81
N VAL A 256 6.55 9.72 1.25
CA VAL A 256 7.74 8.88 1.10
C VAL A 256 9.01 9.71 1.34
N PHE A 257 10.05 9.07 1.87
CA PHE A 257 11.30 9.72 2.28
C PHE A 257 12.49 9.37 1.38
N LEU A 258 13.22 10.37 0.94
CA LEU A 258 14.33 10.17 0.02
C LEU A 258 15.65 10.40 0.74
N ASP A 259 16.55 9.40 0.65
CA ASP A 259 17.81 9.50 1.39
C ASP A 259 18.72 10.58 0.83
N THR A 260 18.79 10.74 -0.49
CA THR A 260 19.51 11.88 -1.03
C THR A 260 18.94 12.25 -2.39
N ASP A 261 19.48 13.33 -2.91
CA ASP A 261 18.95 14.10 -4.01
C ASP A 261 20.00 14.19 -5.12
N ALA A 262 19.59 14.78 -6.25
CA ALA A 262 20.56 15.18 -7.27
C ALA A 262 21.36 16.39 -6.84
N ILE A 263 20.81 17.23 -5.97
CA ILE A 263 21.54 18.39 -5.49
C ILE A 263 22.71 17.96 -4.60
N VAL A 264 22.45 17.07 -3.65
CA VAL A 264 23.51 16.65 -2.76
C VAL A 264 24.57 15.87 -3.53
N THR A 265 24.18 15.19 -4.61
CA THR A 265 25.23 14.64 -5.44
C THR A 265 25.89 15.69 -6.34
N ARG A 266 25.18 16.78 -6.64
CA ARG A 266 25.82 17.87 -7.39
C ARG A 266 26.75 18.69 -6.52
N VAL A 267 26.51 18.75 -5.20
CA VAL A 267 27.46 19.42 -4.34
C VAL A 267 28.77 18.66 -4.32
N TYR A 268 28.70 17.35 -4.09
CA TYR A 268 29.90 16.53 -4.16
C TYR A 268 30.55 16.59 -5.53
N ALA A 269 29.84 17.07 -6.54
CA ALA A 269 30.38 17.16 -7.90
C ALA A 269 30.98 18.53 -8.22
N LYS A 270 30.46 19.64 -7.67
CA LYS A 270 31.16 20.91 -7.92
C LYS A 270 32.49 20.93 -7.16
N LEU A 271 32.48 20.44 -5.92
CA LEU A 271 33.72 20.02 -5.29
C LEU A 271 34.23 18.74 -5.98
N TYR A 272 35.45 18.33 -5.65
CA TYR A 272 35.97 17.01 -6.00
C TYR A 272 35.96 16.70 -7.52
N LEU A 273 35.78 17.68 -8.40
CA LEU A 273 35.65 17.36 -9.84
C LEU A 273 36.10 18.53 -10.70
N PRO A 274 37.02 18.33 -11.64
CA PRO A 274 37.53 19.45 -12.47
C PRO A 274 36.43 20.33 -13.04
N LYS A 275 36.71 21.63 -13.09
CA LYS A 275 35.71 22.62 -13.49
C LYS A 275 35.21 22.36 -14.91
N GLU A 276 36.07 21.86 -15.80
CA GLU A 276 35.59 21.52 -17.13
C GLU A 276 34.66 20.30 -17.08
N ASP A 277 35.04 19.27 -16.31
CA ASP A 277 34.19 18.09 -16.13
C ASP A 277 32.85 18.43 -15.52
N PHE A 278 32.86 19.14 -14.38
CA PHE A 278 31.61 19.51 -13.75
C PHE A 278 30.72 20.26 -14.71
N GLU A 279 31.29 21.19 -15.48
CA GLU A 279 30.47 21.98 -16.40
C GLU A 279 29.88 21.11 -17.52
N GLN A 280 30.46 19.94 -17.78
CA GLN A 280 29.88 19.06 -18.78
C GLN A 280 28.61 18.39 -18.28
N LEU A 281 28.50 18.17 -16.95
CA LEU A 281 27.34 17.52 -16.33
C LEU A 281 26.16 18.43 -16.09
N GLU A 282 26.36 19.75 -16.10
CA GLU A 282 25.29 20.67 -15.72
C GLU A 282 23.96 20.43 -16.44
N PRO A 283 23.92 20.08 -17.73
CA PRO A 283 22.61 19.76 -18.35
C PRO A 283 21.94 18.54 -17.77
N LEU A 284 22.66 17.42 -17.60
CA LEU A 284 22.09 16.28 -16.90
C LEU A 284 21.65 16.65 -15.50
N PHE A 285 22.36 17.58 -14.86
CA PHE A 285 21.95 18.05 -13.54
C PHE A 285 20.64 18.85 -13.63
N ARG A 286 20.54 19.81 -14.54
CA ARG A 286 19.27 20.53 -14.63
C ARG A 286 18.13 19.58 -14.92
N LYS A 287 18.27 18.74 -15.95
CA LYS A 287 17.18 17.85 -16.30
C LYS A 287 16.68 17.07 -15.08
N THR A 288 17.60 16.58 -14.24
CA THR A 288 17.19 15.73 -13.13
C THR A 288 16.56 16.55 -12.01
N ILE A 289 17.21 17.64 -11.62
CA ILE A 289 16.71 18.45 -10.52
C ILE A 289 15.36 19.06 -10.88
N ALA A 290 15.14 19.38 -12.16
CA ALA A 290 13.85 19.88 -12.60
C ALA A 290 12.77 18.80 -12.53
N ASP A 291 13.15 17.54 -12.74
CA ASP A 291 12.20 16.42 -12.66
C ASP A 291 11.94 15.99 -11.24
N GLU A 292 12.55 16.65 -10.26
CA GLU A 292 12.32 16.38 -8.84
C GLU A 292 11.29 17.34 -8.28
N ARG A 293 10.45 16.83 -7.37
CA ARG A 293 9.45 17.60 -6.64
C ARG A 293 9.59 17.29 -5.15
N MET A 294 10.05 18.26 -4.36
CA MET A 294 10.14 18.04 -2.92
C MET A 294 9.22 18.97 -2.15
N ASP A 295 8.67 18.43 -1.05
CA ASP A 295 7.81 19.20 -0.16
C ASP A 295 8.57 19.71 1.05
N LEU A 296 9.38 18.87 1.67
CA LEU A 296 10.16 19.25 2.83
C LEU A 296 11.58 18.74 2.63
N ILE A 297 12.57 19.61 2.87
CA ILE A 297 13.99 19.30 2.70
C ILE A 297 14.69 19.44 4.04
N LEU A 298 15.13 18.31 4.61
CA LEU A 298 15.84 18.29 5.89
C LEU A 298 17.34 18.26 5.66
N VAL A 299 18.07 19.17 6.31
CA VAL A 299 19.52 19.30 6.17
C VAL A 299 20.14 19.02 7.53
N ILE A 300 21.12 18.12 7.56
CA ILE A 300 21.89 17.84 8.76
C ILE A 300 23.18 18.66 8.76
N PRO A 301 23.37 19.53 9.75
CA PRO A 301 24.55 20.41 9.78
C PRO A 301 25.78 19.68 10.28
N PRO A 302 26.97 20.25 10.08
CA PRO A 302 28.22 19.53 10.41
C PRO A 302 28.31 19.19 11.89
N ILE A 303 28.31 17.89 12.17
CA ILE A 303 28.38 17.41 13.55
C ILE A 303 29.75 16.81 13.89
N HIS A 313 32.14 6.44 3.82
CA HIS A 313 32.69 7.45 2.92
C HIS A 313 33.93 8.08 3.55
N MET A 314 35.07 8.06 2.85
CA MET A 314 36.31 8.56 3.42
C MET A 314 36.64 9.99 3.02
N GLU A 315 36.52 10.34 1.74
CA GLU A 315 36.88 11.70 1.35
C GLU A 315 35.73 12.66 1.59
N TRP A 316 34.49 12.19 1.47
CA TRP A 316 33.32 13.05 1.69
C TRP A 316 33.11 13.36 3.17
N GLU A 317 33.76 12.62 4.07
CA GLU A 317 33.65 12.88 5.51
C GLU A 317 34.32 14.18 5.92
N GLU A 318 35.62 14.32 5.58
CA GLU A 318 36.45 15.35 6.20
C GLU A 318 35.99 16.76 5.88
N SER A 319 35.45 16.99 4.69
CA SER A 319 35.04 18.34 4.28
C SER A 319 33.55 18.56 4.59
N ARG A 320 33.28 18.73 5.88
CA ARG A 320 31.90 18.93 6.34
C ARG A 320 31.41 20.36 6.12
N HIS A 321 32.16 21.35 6.63
CA HIS A 321 31.76 22.74 6.44
C HIS A 321 31.89 23.17 4.97
N GLU A 322 32.90 22.65 4.28
CA GLU A 322 33.00 22.87 2.85
C GLU A 322 31.73 22.42 2.14
N PHE A 323 31.32 21.18 2.40
CA PHE A 323 30.10 20.65 1.79
C PHE A 323 28.87 21.41 2.25
N HIS A 324 28.78 21.71 3.55
CA HIS A 324 27.55 22.28 4.08
C HIS A 324 27.34 23.68 3.55
N GLU A 325 28.40 24.47 3.45
CA GLU A 325 28.26 25.82 2.94
C GLU A 325 27.89 25.79 1.46
N GLU A 326 28.56 24.92 0.69
CA GLU A 326 28.22 24.78 -0.72
C GLU A 326 26.79 24.26 -0.91
N LEU A 327 26.34 23.38 0.00
CA LEU A 327 24.99 22.82 -0.12
C LEU A 327 23.93 23.90 0.01
N MET A 328 24.13 24.84 0.92
CA MET A 328 23.17 25.93 1.00
C MET A 328 23.32 26.88 -0.19
N ARG A 329 24.55 27.10 -0.63
CA ARG A 329 24.77 27.88 -1.84
C ARG A 329 23.89 27.35 -2.98
N GLN A 330 23.99 26.05 -3.27
CA GLN A 330 23.21 25.46 -4.34
C GLN A 330 21.71 25.52 -4.05
N LEU A 331 21.33 25.22 -2.81
CA LEU A 331 19.91 25.19 -2.46
C LEU A 331 19.24 26.53 -2.69
N ALA A 332 19.96 27.63 -2.48
CA ALA A 332 19.44 28.93 -2.87
C ALA A 332 19.36 29.04 -4.39
N GLU A 333 20.39 28.53 -5.09
CA GLU A 333 20.42 28.59 -6.55
C GLU A 333 19.13 28.05 -7.18
N PHE A 334 18.50 27.07 -6.54
CA PHE A 334 17.28 26.47 -7.09
C PHE A 334 16.03 26.89 -6.32
N GLY A 335 16.10 27.98 -5.56
CA GLY A 335 14.92 28.54 -4.90
C GLY A 335 14.20 27.60 -3.97
N LEU A 336 14.89 26.62 -3.40
CA LEU A 336 14.32 25.63 -2.50
C LEU A 336 14.42 26.01 -1.03
N LEU A 337 14.78 27.26 -0.72
CA LEU A 337 15.11 27.62 0.65
C LEU A 337 13.91 27.50 1.57
N ASP A 338 12.73 27.87 1.08
CA ASP A 338 11.54 27.87 1.92
C ASP A 338 11.03 26.45 2.21
N LYS A 339 11.58 25.43 1.57
CA LYS A 339 11.29 24.05 1.91
C LYS A 339 12.38 23.44 2.80
N VAL A 340 13.35 24.23 3.24
CA VAL A 340 14.53 23.70 3.91
C VAL A 340 14.41 23.93 5.41
N VAL A 341 14.66 22.88 6.18
CA VAL A 341 14.66 22.90 7.63
C VAL A 341 15.97 22.28 8.08
N ILE A 342 16.64 22.93 9.01
CA ILE A 342 17.97 22.54 9.46
C ILE A 342 17.85 21.93 10.84
N LEU A 343 18.41 20.74 11.01
CA LEU A 343 18.27 20.02 12.28
C LEU A 343 19.46 20.38 13.18
N ASP A 344 19.41 21.59 13.74
CA ASP A 344 20.40 21.98 14.73
C ASP A 344 19.98 21.53 16.13
N ASP A 345 20.97 21.52 17.03
CA ASP A 345 20.75 21.30 18.48
C ASP A 345 21.85 22.05 19.24
N GLU A 346 21.60 23.33 19.56
CA GLU A 346 22.01 23.99 20.82
C GLU A 346 21.81 25.50 20.80
N GLY A 347 22.05 26.15 21.93
CA GLY A 347 22.14 27.60 22.00
C GLY A 347 20.83 28.35 21.92
N GLY A 354 15.42 25.03 21.55
CA GLY A 354 14.35 24.50 20.74
C GLY A 354 13.93 23.06 20.99
N TYR A 355 14.69 22.09 20.45
CA TYR A 355 14.30 20.69 20.40
C TYR A 355 15.29 19.79 21.14
N LEU A 356 14.83 18.60 21.55
CA LEU A 356 15.70 17.74 22.36
C LEU A 356 16.66 16.94 21.50
N THR A 357 16.15 16.30 20.48
CA THR A 357 16.97 15.53 19.57
C THR A 357 16.67 15.98 18.15
N ARG A 358 17.64 15.76 17.26
CA ARG A 358 17.41 16.12 15.87
C ARG A 358 16.27 15.30 15.29
N TYR A 359 16.02 14.11 15.85
CA TYR A 359 14.83 13.35 15.45
C TYR A 359 13.58 14.09 15.82
N HIS A 360 13.50 14.53 17.08
CA HIS A 360 12.34 15.29 17.55
C HIS A 360 12.07 16.47 16.64
N HIS A 361 13.10 17.29 16.40
CA HIS A 361 12.98 18.40 15.47
C HIS A 361 12.51 17.93 14.10
N ALA A 362 13.07 16.83 13.62
CA ALA A 362 12.71 16.35 12.29
C ALA A 362 11.28 15.82 12.24
N ILE A 363 10.92 14.98 13.21
CA ILE A 363 9.58 14.35 13.17
C ILE A 363 8.50 15.40 13.25
N ASP A 364 8.74 16.49 13.99
CA ASP A 364 7.76 17.55 14.04
C ASP A 364 7.73 18.36 12.74
N ALA A 365 8.87 18.48 12.07
CA ALA A 365 8.89 19.13 10.76
C ALA A 365 7.96 18.42 9.77
N VAL A 366 7.98 17.09 9.77
CA VAL A 366 7.10 16.34 8.89
C VAL A 366 5.64 16.66 9.17
N HIS A 367 5.29 16.83 10.45
CA HIS A 367 3.93 17.22 10.80
C HIS A 367 3.55 18.55 10.17
N GLU A 368 4.43 19.56 10.28
CA GLU A 368 4.10 20.87 9.72
C GLU A 368 3.96 20.83 8.21
N TYR A 369 4.71 19.96 7.52
CA TYR A 369 4.79 20.00 6.07
C TYR A 369 3.93 18.95 5.37
N THR A 370 3.42 17.93 6.09
CA THR A 370 2.56 16.92 5.47
C THR A 370 1.24 16.71 6.22
N GLY A 371 1.24 16.96 7.52
CA GLY A 371 0.01 16.88 8.31
C GLY A 371 -0.35 15.55 8.92
N VAL A 372 0.62 14.71 9.30
CA VAL A 372 0.34 13.43 9.94
C VAL A 372 0.43 13.55 11.46
N LYS A 373 -0.41 12.80 12.19
CA LYS A 373 -0.45 12.83 13.65
C LYS A 373 0.66 11.99 14.28
N ILE A 374 1.28 12.51 15.34
CA ILE A 374 2.44 11.90 16.00
C ILE A 374 2.22 11.93 17.51
N GLU A 375 2.63 10.86 18.21
CA GLU A 375 2.45 10.71 19.65
C GLU A 375 3.60 11.36 20.44
N ARG A 376 3.34 11.63 21.72
CA ARG A 376 4.27 12.29 22.64
C ARG A 376 4.76 11.28 23.67
N LEU A 377 5.94 11.55 24.23
CA LEU A 377 6.50 10.75 25.33
C LEU A 377 6.38 11.35 26.78
N SER B 9 24.96 -7.41 19.14
CA SER B 9 23.66 -8.03 19.44
C SER B 9 23.23 -7.93 20.94
N LYS B 10 24.00 -7.21 21.76
CA LYS B 10 23.57 -6.75 23.07
C LYS B 10 23.71 -5.22 23.13
N LEU B 11 22.88 -4.59 23.96
CA LEU B 11 22.77 -3.14 23.92
C LEU B 11 24.05 -2.49 24.43
N SER B 12 24.58 -1.54 23.64
CA SER B 12 25.96 -1.09 23.82
C SER B 12 26.10 -0.03 24.92
N GLY B 13 25.45 1.12 24.74
CA GLY B 13 25.78 2.33 25.47
C GLY B 13 25.70 2.32 27.00
N LYS B 14 25.89 3.50 27.59
CA LYS B 14 25.91 3.67 29.05
C LYS B 14 24.52 3.90 29.64
N ASN B 15 23.74 4.84 29.12
CA ASN B 15 22.34 4.96 29.54
C ASN B 15 21.44 4.38 28.46
N ILE B 16 20.52 3.52 28.89
CA ILE B 16 19.58 2.85 28.00
C ILE B 16 18.20 2.98 28.62
N GLY B 17 17.17 2.81 27.78
CA GLY B 17 15.80 2.89 28.23
C GLY B 17 15.02 1.65 27.86
N ILE B 18 13.88 1.49 28.52
CA ILE B 18 13.08 0.28 28.46
C ILE B 18 11.63 0.66 28.20
N TYR B 19 10.99 -0.06 27.29
CA TYR B 19 9.66 0.28 26.83
C TYR B 19 8.81 -0.99 26.83
N PHE B 20 7.67 -0.95 27.53
CA PHE B 20 6.78 -2.10 27.63
C PHE B 20 5.60 -1.97 26.68
N GLY B 21 4.92 -3.10 26.46
CA GLY B 21 3.73 -3.09 25.63
C GLY B 21 3.09 -4.45 25.40
N THR B 22 1.77 -4.43 25.18
CA THR B 22 1.04 -5.62 24.74
C THR B 22 1.34 -5.93 23.27
N PHE B 23 1.40 -4.89 22.43
CA PHE B 23 1.76 -5.01 21.02
C PHE B 23 0.83 -5.97 20.28
N ALA B 24 -0.47 -5.76 20.43
CA ALA B 24 -1.50 -6.59 19.81
C ALA B 24 -2.50 -5.67 19.10
N PRO B 25 -2.09 -5.09 17.95
CA PRO B 25 -0.77 -5.16 17.32
C PRO B 25 0.12 -3.96 17.61
N LEU B 26 1.40 -4.05 17.28
CA LEU B 26 2.25 -2.86 17.20
C LEU B 26 1.73 -1.92 16.11
N HIS B 27 1.66 -0.62 16.41
CA HIS B 27 1.14 0.32 15.42
C HIS B 27 1.87 1.65 15.50
N THR B 28 1.64 2.47 14.47
CA THR B 28 2.25 3.80 14.31
C THR B 28 2.40 4.54 15.63
N GLY B 29 1.37 4.50 16.47
CA GLY B 29 1.43 5.10 17.78
C GLY B 29 2.58 4.59 18.63
N HIS B 30 2.65 3.27 18.84
CA HIS B 30 3.80 2.67 19.51
C HIS B 30 5.10 3.18 18.92
N GLN B 31 5.22 3.05 17.59
CA GLN B 31 6.48 3.32 16.89
C GLN B 31 6.96 4.74 17.07
N GLN B 32 6.06 5.71 17.01
CA GLN B 32 6.49 7.08 17.22
C GLN B 32 7.09 7.26 18.60
N GLN B 33 6.53 6.60 19.61
CA GLN B 33 7.09 6.72 20.93
C GLN B 33 8.44 6.03 21.04
N ILE B 34 8.62 4.95 20.30
CA ILE B 34 9.86 4.20 20.44
C ILE B 34 11.01 4.95 19.80
N TYR B 35 10.79 5.50 18.60
CA TYR B 35 11.86 6.26 17.99
C TYR B 35 12.13 7.54 18.75
N LYS B 36 11.10 8.14 19.38
CA LYS B 36 11.37 9.20 20.35
C LYS B 36 12.18 8.64 21.51
N CYS B 37 11.89 7.41 21.91
CA CYS B 37 12.54 6.82 23.08
C CYS B 37 13.99 6.45 22.79
N ALA B 38 14.27 6.01 21.57
CA ALA B 38 15.62 5.63 21.20
C ALA B 38 16.51 6.85 21.07
N SER B 39 15.93 7.97 20.62
CA SER B 39 16.69 9.19 20.41
C SER B 39 17.16 9.83 21.70
N LEU B 40 16.62 9.42 22.86
CA LEU B 40 17.06 9.94 24.14
C LEU B 40 18.03 9.02 24.88
N ASN B 41 18.14 7.76 24.49
CA ASN B 41 19.07 6.85 25.13
C ASN B 41 20.11 6.34 24.13
N ASP B 42 21.03 5.54 24.63
CA ASP B 42 22.03 4.92 23.78
C ASP B 42 21.49 3.65 23.15
N GLY B 43 20.56 2.96 23.81
CA GLY B 43 19.88 1.81 23.25
C GLY B 43 18.59 1.60 24.00
N VAL B 44 17.67 0.89 23.36
CA VAL B 44 16.31 0.71 23.87
C VAL B 44 15.92 -0.75 23.81
N LEU B 45 15.38 -1.27 24.90
CA LEU B 45 14.90 -2.65 25.00
C LEU B 45 13.38 -2.67 25.00
N LEU B 46 12.77 -3.09 23.90
CA LEU B 46 11.34 -3.39 23.94
C LEU B 46 11.08 -4.67 24.71
N VAL B 47 10.00 -4.67 25.47
CA VAL B 47 9.64 -5.80 26.32
C VAL B 47 8.21 -6.19 25.98
N VAL B 48 8.04 -7.35 25.34
CA VAL B 48 6.72 -7.91 25.05
C VAL B 48 6.24 -8.71 26.25
N SER B 49 5.02 -8.40 26.72
CA SER B 49 4.42 -9.05 27.88
C SER B 49 3.26 -9.91 27.43
N GLY B 50 3.07 -11.04 28.11
CA GLY B 50 1.99 -11.93 27.74
C GLY B 50 1.71 -13.01 28.76
N TYR B 51 0.47 -13.48 28.78
CA TYR B 51 0.08 -14.66 29.53
C TYR B 51 -0.80 -15.48 28.59
N ASP B 52 -1.11 -16.71 29.00
CA ASP B 52 -1.51 -17.70 28.01
C ASP B 52 -2.90 -17.51 27.44
N ASN B 53 -3.71 -16.57 27.91
CA ASN B 53 -4.92 -16.29 27.14
C ASN B 53 -5.28 -14.81 27.13
N ASP B 54 -4.29 -13.94 26.96
CA ASP B 54 -4.52 -12.50 27.06
C ASP B 54 -5.30 -11.98 25.85
N ARG B 55 -5.59 -10.67 25.87
CA ARG B 55 -6.33 -10.04 24.78
C ARG B 55 -5.81 -10.51 23.44
N GLY B 56 -4.49 -10.43 23.26
CA GLY B 56 -3.89 -10.79 21.99
C GLY B 56 -4.18 -12.23 21.59
N ALA B 57 -3.88 -13.17 22.49
CA ALA B 57 -4.06 -14.57 22.17
C ALA B 57 -5.50 -14.86 21.76
N GLN B 58 -6.46 -14.21 22.43
CA GLN B 58 -7.87 -14.44 22.12
C GLN B 58 -8.17 -14.10 20.66
N ILE B 59 -7.47 -13.13 20.08
CA ILE B 59 -7.70 -12.77 18.69
C ILE B 59 -6.66 -13.37 17.76
N GLY B 60 -5.78 -14.23 18.26
CA GLY B 60 -4.84 -14.94 17.42
C GLY B 60 -3.42 -14.39 17.31
N LEU B 61 -2.97 -13.59 18.25
CA LEU B 61 -1.58 -13.10 18.28
C LEU B 61 -1.01 -13.40 19.66
N PRO B 62 -0.73 -14.67 19.95
CA PRO B 62 -0.21 -15.03 21.27
C PRO B 62 1.14 -14.39 21.53
N LEU B 63 1.58 -14.47 22.79
CA LEU B 63 2.81 -13.80 23.20
C LEU B 63 3.99 -14.16 22.29
N GLU B 64 4.16 -15.45 21.96
CA GLU B 64 5.28 -15.84 21.09
C GLU B 64 5.16 -15.19 19.72
N LYS B 65 3.97 -15.28 19.12
CA LYS B 65 3.70 -14.69 17.79
C LYS B 65 4.04 -13.19 17.81
N ARG B 66 3.62 -12.49 18.86
CA ARG B 66 3.87 -11.06 18.99
C ARG B 66 5.35 -10.79 19.14
N PHE B 67 6.04 -11.58 19.95
CA PHE B 67 7.47 -11.44 20.10
C PHE B 67 8.19 -11.56 18.75
N ARG B 68 7.90 -12.64 18.01
CA ARG B 68 8.55 -12.85 16.72
C ARG B 68 8.22 -11.70 15.77
N TYR B 69 6.94 -11.31 15.70
CA TYR B 69 6.57 -10.22 14.81
C TYR B 69 7.35 -8.95 15.14
N LEU B 70 7.60 -8.72 16.43
CA LEU B 70 8.36 -7.54 16.86
C LEU B 70 9.82 -7.63 16.45
N ARG B 71 10.44 -8.79 16.66
CA ARG B 71 11.82 -9.02 16.20
C ARG B 71 11.95 -8.79 14.71
N GLU B 72 11.05 -9.37 13.93
CA GLU B 72 11.08 -9.15 12.49
C GLU B 72 10.88 -7.67 12.18
N ALA B 73 10.04 -6.99 12.96
CA ALA B 73 9.75 -5.59 12.70
C ALA B 73 10.95 -4.69 12.98
N PHE B 74 11.78 -5.04 13.96
CA PHE B 74 12.98 -4.26 14.27
C PHE B 74 14.27 -4.96 13.83
N ASN B 75 14.21 -5.72 12.73
CA ASN B 75 15.32 -6.56 12.32
C ASN B 75 16.50 -5.77 11.77
N ASP B 76 16.43 -4.44 11.76
CA ASP B 76 17.53 -3.61 11.28
C ASP B 76 17.88 -2.44 12.21
N GLU B 77 17.35 -2.43 13.44
CA GLU B 77 17.67 -1.37 14.40
C GLU B 77 18.77 -1.88 15.34
N GLU B 78 19.98 -1.33 15.16
CA GLU B 78 21.14 -1.77 15.96
C GLU B 78 20.89 -1.62 17.46
N ASN B 79 20.45 -0.44 17.89
CA ASN B 79 20.29 -0.12 19.30
C ASN B 79 18.88 -0.36 19.82
N ILE B 80 18.13 -1.27 19.22
CA ILE B 80 16.82 -1.64 19.72
C ILE B 80 16.74 -3.15 19.73
N LYS B 81 16.57 -3.73 20.91
CA LYS B 81 16.45 -5.18 21.06
C LYS B 81 15.07 -5.50 21.61
N VAL B 82 14.54 -6.67 21.25
CA VAL B 82 13.22 -7.15 21.69
C VAL B 82 13.37 -8.27 22.71
N SER B 83 12.64 -8.15 23.82
CA SER B 83 12.62 -9.15 24.87
C SER B 83 11.18 -9.61 25.11
N MET B 84 11.07 -10.69 25.88
CA MET B 84 9.80 -11.36 26.14
C MET B 84 9.68 -11.55 27.64
N LEU B 85 8.59 -11.07 28.23
CA LEU B 85 8.30 -11.29 29.65
C LEU B 85 7.12 -12.25 29.76
N ASN B 86 7.43 -13.54 29.90
CA ASN B 86 6.42 -14.59 30.00
C ASN B 86 5.96 -14.68 31.44
N GLU B 87 4.65 -14.61 31.67
CA GLU B 87 4.32 -14.44 33.08
C GLU B 87 3.80 -15.69 33.78
N ASN B 88 2.57 -16.13 33.47
CA ASN B 88 1.99 -17.37 33.98
C ASN B 88 2.43 -17.75 35.40
N ASP B 89 2.15 -16.86 36.36
CA ASP B 89 2.62 -17.02 37.72
C ASP B 89 1.62 -16.34 38.64
N LEU B 90 1.38 -16.97 39.75
CA LEU B 90 0.52 -16.41 40.77
C LEU B 90 0.97 -17.03 42.07
N PRO B 91 2.24 -16.91 42.45
CA PRO B 91 2.69 -17.62 43.66
C PRO B 91 2.11 -17.01 44.92
N GLU B 92 2.04 -15.69 44.98
CA GLU B 92 1.44 -14.95 46.08
C GLU B 92 1.16 -13.56 45.56
N MET B 93 0.11 -12.93 46.10
CA MET B 93 -0.16 -11.54 45.78
C MET B 93 1.02 -10.61 46.06
N PRO B 94 1.72 -10.69 47.24
CA PRO B 94 2.81 -9.71 47.47
C PRO B 94 4.09 -10.03 46.73
N ASN B 95 4.55 -11.29 46.77
CA ASN B 95 5.77 -11.64 46.03
C ASN B 95 5.53 -11.76 44.52
N GLY B 96 4.29 -11.94 44.07
CA GLY B 96 4.03 -11.95 42.64
C GLY B 96 4.70 -10.80 41.91
N TRP B 97 4.67 -9.60 42.52
CA TRP B 97 5.45 -8.48 42.00
C TRP B 97 6.95 -8.71 42.13
N ASP B 98 7.40 -9.24 43.29
CA ASP B 98 8.80 -9.60 43.45
C ASP B 98 9.28 -10.54 42.36
N GLU B 99 8.47 -11.55 42.02
CA GLU B 99 8.93 -12.53 41.04
C GLU B 99 8.83 -11.97 39.63
N TRP B 100 7.73 -11.30 39.31
CA TRP B 100 7.63 -10.59 38.04
C TRP B 100 8.78 -9.59 37.88
N ALA B 101 9.21 -8.95 38.97
CA ALA B 101 10.29 -7.96 38.88
C ALA B 101 11.61 -8.60 38.46
N ASN B 102 12.13 -9.55 39.24
CA ASN B 102 13.45 -10.04 38.84
C ASN B 102 13.39 -10.97 37.64
N ARG B 103 12.19 -11.37 37.18
CA ARG B 103 12.07 -11.86 35.82
C ARG B 103 12.44 -10.77 34.84
N LEU B 104 11.94 -9.55 35.10
CA LEU B 104 12.22 -8.41 34.25
C LEU B 104 13.68 -7.99 34.33
N PHE B 105 14.26 -8.00 35.53
CA PHE B 105 15.65 -7.60 35.66
C PHE B 105 16.60 -8.66 35.11
N GLU B 106 16.14 -9.90 35.02
CA GLU B 106 16.91 -10.90 34.30
C GLU B 106 17.04 -10.50 32.84
N LEU B 107 15.95 -10.04 32.23
CA LEU B 107 16.02 -9.56 30.86
C LEU B 107 17.01 -8.40 30.73
N ILE B 108 17.03 -7.51 31.72
CA ILE B 108 17.86 -6.31 31.59
C ILE B 108 19.33 -6.69 31.71
N HIS B 109 19.66 -7.53 32.71
CA HIS B 109 21.04 -7.96 32.89
C HIS B 109 21.53 -8.74 31.68
N HIS B 110 20.64 -9.51 31.06
CA HIS B 110 21.02 -10.43 29.99
C HIS B 110 21.30 -9.69 28.68
N ASN B 111 20.58 -8.60 28.41
CA ASN B 111 20.64 -7.92 27.12
C ASN B 111 21.52 -6.67 27.12
N THR B 112 22.46 -6.55 28.07
CA THR B 112 23.32 -5.37 28.14
C THR B 112 24.79 -5.73 28.27
N LEU B 113 25.64 -4.86 27.70
CA LEU B 113 27.04 -4.75 28.06
C LEU B 113 27.16 -3.75 29.22
N GLU B 114 28.35 -3.25 29.48
CA GLU B 114 28.54 -1.94 30.06
C GLU B 114 27.76 -1.79 31.39
N ASN B 115 28.21 -2.53 32.40
CA ASN B 115 27.69 -2.27 33.73
C ASN B 115 27.95 -0.80 34.10
N ASP B 116 27.33 -0.35 35.19
CA ASP B 116 27.25 1.08 35.53
C ASP B 116 26.38 1.80 34.49
N LEU B 117 25.17 1.29 34.28
CA LEU B 117 24.22 1.83 33.32
C LEU B 117 23.46 3.03 33.90
N SER B 118 22.49 3.53 33.14
CA SER B 118 21.49 4.50 33.62
C SER B 118 20.17 4.11 32.96
N VAL B 119 19.42 3.26 33.65
CA VAL B 119 18.23 2.63 33.08
C VAL B 119 17.00 3.48 33.39
N THR B 120 16.16 3.69 32.39
CA THR B 120 14.92 4.43 32.50
C THR B 120 13.75 3.55 32.04
N PHE B 121 12.82 3.26 32.95
CA PHE B 121 11.60 2.55 32.60
C PHE B 121 10.56 3.52 32.06
N TYR B 122 9.90 3.14 30.97
CA TYR B 122 8.86 3.95 30.33
C TYR B 122 7.55 3.14 30.39
N VAL B 123 6.83 3.32 31.50
CA VAL B 123 5.63 2.54 31.78
C VAL B 123 4.40 3.44 31.75
N GLY B 124 3.24 2.84 31.44
CA GLY B 124 2.02 3.61 31.22
C GLY B 124 0.87 3.34 32.17
N GLU B 125 1.03 2.37 33.06
CA GLU B 125 0.07 2.08 34.11
C GLU B 125 0.68 2.52 35.44
N LEU B 126 -0.13 3.16 36.28
CA LEU B 126 0.43 3.69 37.52
C LEU B 126 0.73 2.58 38.52
N GLU B 127 -0.05 1.51 38.50
CA GLU B 127 0.17 0.42 39.44
C GLU B 127 1.56 -0.17 39.26
N TYR B 128 2.03 -0.20 38.02
CA TYR B 128 3.32 -0.81 37.71
C TYR B 128 4.48 0.03 38.21
N ALA B 129 4.47 1.33 37.91
CA ALA B 129 5.54 2.20 38.38
C ALA B 129 5.67 2.18 39.91
N ALA B 130 4.57 1.97 40.63
CA ALA B 130 4.65 1.94 42.08
C ALA B 130 5.27 0.63 42.58
N GLU B 131 4.90 -0.51 41.99
CA GLU B 131 5.49 -1.76 42.45
C GLU B 131 6.90 -1.92 41.93
N LEU B 132 7.20 -1.35 40.77
CA LEU B 132 8.55 -1.42 40.23
C LEU B 132 9.51 -0.55 41.04
N LYS B 133 9.07 0.64 41.45
CA LYS B 133 9.93 1.52 42.23
C LYS B 133 10.35 0.86 43.54
N LYS B 134 9.57 -0.11 44.04
CA LYS B 134 9.92 -0.85 45.25
C LYS B 134 11.03 -1.86 45.02
N ARG B 135 11.18 -2.37 43.81
CA ARG B 135 11.99 -3.55 43.55
C ARG B 135 13.18 -3.25 42.65
N PHE B 136 13.87 -2.15 42.88
CA PHE B 136 15.13 -1.97 42.15
C PHE B 136 16.21 -2.83 42.79
N PRO B 137 16.90 -3.67 42.03
CA PRO B 137 17.93 -4.53 42.61
C PRO B 137 19.24 -3.80 42.79
N ALA B 138 20.14 -4.44 43.55
CA ALA B 138 21.41 -3.85 43.93
C ALA B 138 22.54 -4.23 42.98
N ASP B 139 22.35 -3.98 41.69
CA ASP B 139 23.43 -3.94 40.71
C ASP B 139 23.97 -2.51 40.68
N GLY B 140 24.74 -2.15 39.66
CA GLY B 140 25.27 -0.79 39.61
C GLY B 140 24.61 0.18 38.62
N ASN B 141 23.28 0.21 38.50
CA ASN B 141 22.67 0.74 37.29
C ASN B 141 21.87 2.04 37.40
N GLN B 142 21.41 2.46 38.60
CA GLN B 142 20.62 3.69 38.71
C GLN B 142 19.36 3.64 37.83
N TYR B 143 18.42 2.82 38.26
CA TYR B 143 17.10 2.81 37.62
C TYR B 143 16.28 4.04 38.01
N ALA B 144 15.55 4.58 37.05
CA ALA B 144 14.58 5.65 37.27
C ALA B 144 13.35 5.36 36.42
N VAL B 145 12.16 5.67 36.94
CA VAL B 145 10.91 5.31 36.27
C VAL B 145 10.19 6.57 35.82
N GLU B 146 9.76 6.57 34.57
CA GLU B 146 8.93 7.60 33.99
C GLU B 146 7.59 7.00 33.64
N ILE B 147 6.57 7.83 33.64
CA ILE B 147 5.25 7.40 33.20
C ILE B 147 4.97 8.08 31.88
N ALA B 148 4.25 7.41 31.00
CA ALA B 148 3.84 7.97 29.72
C ALA B 148 2.33 7.86 29.59
N ASP B 149 1.69 8.87 29.03
CA ASP B 149 0.25 8.76 28.83
C ASP B 149 0.08 7.86 27.63
N ARG B 150 -0.27 6.61 27.88
CA ARG B 150 -0.52 5.60 26.86
C ARG B 150 -2.02 5.47 26.53
N HIS B 151 -2.78 6.55 26.61
CA HIS B 151 -4.20 6.43 26.29
C HIS B 151 -4.42 6.23 24.80
N ASP B 152 -3.98 7.18 23.96
CA ASP B 152 -4.19 7.05 22.51
C ASP B 152 -3.64 5.73 22.00
N ILE B 153 -2.53 5.29 22.58
CA ILE B 153 -1.85 4.11 22.08
C ILE B 153 -2.69 2.88 22.34
N SER B 154 -3.23 2.77 23.55
CA SER B 154 -4.12 1.66 23.86
C SER B 154 -5.46 1.79 23.15
N LEU B 155 -5.95 3.02 22.96
CA LEU B 155 -7.21 3.18 22.24
C LEU B 155 -7.03 2.87 20.77
N SER B 156 -5.87 3.22 20.20
CA SER B 156 -5.58 2.88 18.81
C SER B 156 -5.55 1.37 18.64
N ALA B 157 -4.88 0.68 19.55
CA ALA B 157 -4.82 -0.78 19.44
C ALA B 157 -6.21 -1.39 19.51
N THR B 158 -7.03 -0.87 20.42
CA THR B 158 -8.41 -1.35 20.53
C THR B 158 -9.18 -1.10 19.23
N GLN B 159 -9.04 0.10 18.66
CA GLN B 159 -9.77 0.39 17.44
C GLN B 159 -9.26 -0.46 16.28
N ILE B 160 -7.95 -0.70 16.21
CA ILE B 160 -7.42 -1.54 15.15
C ILE B 160 -8.01 -2.95 15.24
N ARG B 161 -7.95 -3.56 16.45
CA ARG B 161 -8.47 -4.92 16.65
C ARG B 161 -9.94 -5.03 16.27
N GLU B 162 -10.72 -3.96 16.51
CA GLU B 162 -12.15 -3.94 16.25
C GLU B 162 -12.45 -3.74 14.76
N ASN B 163 -11.93 -2.67 14.16
CA ASN B 163 -12.05 -2.39 12.73
C ASN B 163 -10.65 -2.31 12.13
N PRO B 164 -10.06 -3.45 11.74
CA PRO B 164 -8.72 -3.37 11.15
C PRO B 164 -8.70 -2.58 9.87
N GLN B 165 -9.68 -2.80 8.99
CA GLN B 165 -9.65 -2.12 7.70
C GLN B 165 -9.70 -0.62 7.87
N GLU B 166 -10.22 -0.15 8.99
CA GLU B 166 -10.46 1.28 9.14
C GLU B 166 -9.22 2.02 9.59
N HIS B 167 -8.30 1.34 10.25
CA HIS B 167 -7.06 1.97 10.67
C HIS B 167 -5.85 1.26 10.07
N TRP B 168 -6.06 0.60 8.93
CA TRP B 168 -5.06 -0.28 8.33
C TRP B 168 -3.70 0.39 8.20
N THR B 169 -3.67 1.64 7.70
CA THR B 169 -2.41 2.29 7.39
C THR B 169 -1.53 2.50 8.61
N HIS B 170 -2.09 2.46 9.82
CA HIS B 170 -1.31 2.62 11.04
C HIS B 170 -0.79 1.31 11.62
N ILE B 171 -1.35 0.18 11.21
CA ILE B 171 -0.84 -1.12 11.63
C ILE B 171 0.55 -1.32 11.05
N ASN B 172 1.49 -1.74 11.90
CA ASN B 172 2.81 -2.15 11.43
C ASN B 172 2.65 -3.27 10.40
N ARG B 173 3.46 -3.22 9.35
CA ARG B 173 3.20 -4.08 8.20
C ARG B 173 3.30 -5.57 8.54
N VAL B 174 4.16 -5.94 9.50
CA VAL B 174 4.28 -7.35 9.86
C VAL B 174 2.96 -7.90 10.38
N PHE B 175 2.21 -7.08 11.11
CA PHE B 175 0.94 -7.57 11.65
C PHE B 175 -0.20 -7.57 10.63
N ARG B 176 -0.01 -6.96 9.46
CA ARG B 176 -1.14 -6.76 8.55
C ARG B 176 -1.65 -8.08 7.98
N ARG B 177 -0.73 -9.02 7.71
CA ARG B 177 -1.08 -10.34 7.15
C ARG B 177 -2.11 -11.06 8.03
N HIS B 178 -2.18 -10.71 9.32
CA HIS B 178 -3.12 -11.36 10.23
C HIS B 178 -4.49 -10.69 10.23
N PHE B 179 -4.54 -9.39 9.97
CA PHE B 179 -5.77 -8.60 10.01
C PHE B 179 -6.44 -8.49 8.64
N SER B 180 -5.91 -9.14 7.62
CA SER B 180 -6.42 -8.94 6.28
C SER B 180 -7.71 -9.73 6.07
N LYS B 181 -8.72 -9.05 5.51
CA LYS B 181 -9.86 -9.76 4.94
C LYS B 181 -9.44 -10.42 3.62
N VAL B 182 -10.03 -11.58 3.33
CA VAL B 182 -9.70 -12.41 2.17
C VAL B 182 -10.98 -12.86 1.50
N VAL B 183 -11.15 -12.49 0.23
CA VAL B 183 -12.26 -12.98 -0.59
C VAL B 183 -11.70 -13.93 -1.65
N THR B 184 -12.28 -15.11 -1.75
CA THR B 184 -11.85 -16.14 -2.68
C THR B 184 -12.99 -16.43 -3.64
N VAL B 185 -12.66 -16.56 -4.91
CA VAL B 185 -13.63 -16.97 -5.92
C VAL B 185 -13.40 -18.43 -6.31
N MET B 186 -14.49 -19.18 -6.49
CA MET B 186 -14.43 -20.58 -6.90
C MET B 186 -15.43 -20.82 -8.02
N GLY B 187 -15.07 -21.68 -8.98
CA GLY B 187 -15.96 -21.97 -10.09
C GLY B 187 -15.29 -22.85 -11.12
N SER B 188 -16.05 -23.16 -12.17
CA SER B 188 -15.61 -24.16 -13.12
C SER B 188 -14.52 -23.59 -14.03
N ALA B 189 -14.26 -24.30 -15.12
CA ALA B 189 -13.45 -23.77 -16.23
C ALA B 189 -14.22 -22.83 -17.15
N SER B 190 -15.43 -22.41 -16.77
CA SER B 190 -16.03 -21.26 -17.44
C SER B 190 -15.05 -20.12 -17.44
N THR B 191 -14.39 -19.94 -16.29
CA THR B 191 -13.59 -18.77 -15.93
C THR B 191 -14.25 -17.49 -16.40
N GLY B 192 -15.53 -17.34 -16.02
CA GLY B 192 -15.93 -16.00 -15.77
C GLY B 192 -15.21 -15.42 -14.58
N LYS B 193 -14.59 -16.28 -13.76
CA LYS B 193 -13.96 -15.87 -12.51
C LYS B 193 -12.89 -14.80 -12.74
N THR B 194 -12.01 -15.01 -13.72
CA THR B 194 -10.88 -14.10 -13.86
C THR B 194 -11.35 -12.70 -14.21
N THR B 195 -12.35 -12.60 -15.09
CA THR B 195 -12.87 -11.28 -15.39
C THR B 195 -13.61 -10.70 -14.18
N LEU B 196 -14.25 -11.57 -13.39
CA LEU B 196 -14.93 -11.13 -12.18
C LEU B 196 -13.95 -10.74 -11.07
N VAL B 197 -12.90 -11.54 -10.86
CA VAL B 197 -11.94 -11.26 -9.80
C VAL B 197 -11.23 -9.92 -10.04
N ARG B 198 -10.83 -9.65 -11.28
CA ARG B 198 -10.20 -8.37 -11.59
C ARG B 198 -11.15 -7.24 -11.27
N ARG B 199 -12.37 -7.28 -11.83
CA ARG B 199 -13.33 -6.19 -11.65
C ARG B 199 -13.66 -5.96 -10.16
N LEU B 200 -13.82 -7.03 -9.38
CA LEU B 200 -14.02 -6.85 -7.95
C LEU B 200 -12.83 -6.13 -7.34
N ALA B 201 -11.62 -6.67 -7.52
CA ALA B 201 -10.46 -6.07 -6.86
C ALA B 201 -10.22 -4.65 -7.36
N ARG B 202 -10.39 -4.43 -8.66
CA ARG B 202 -10.10 -3.11 -9.21
C ARG B 202 -11.14 -2.07 -8.84
N SER B 203 -12.32 -2.45 -8.37
CA SER B 203 -13.25 -1.41 -7.97
C SER B 203 -12.96 -0.88 -6.58
N ILE B 204 -12.09 -1.53 -5.82
CA ILE B 204 -11.72 -1.04 -4.48
C ILE B 204 -10.21 -0.96 -4.32
N ASN B 205 -9.48 -0.90 -5.43
CA ASN B 205 -8.03 -0.77 -5.43
C ASN B 205 -7.33 -1.91 -4.71
N ALA B 206 -7.97 -3.13 -4.63
CA ALA B 206 -7.37 -4.26 -3.95
C ALA B 206 -6.49 -5.07 -4.87
N PRO B 207 -5.51 -5.78 -4.31
CA PRO B 207 -4.74 -6.75 -5.09
C PRO B 207 -5.53 -8.02 -5.27
N PHE B 208 -5.12 -8.79 -6.26
CA PHE B 208 -5.73 -10.07 -6.53
C PHE B 208 -4.69 -11.02 -7.07
N SER B 209 -4.91 -12.30 -6.83
CA SER B 209 -4.11 -13.38 -7.39
C SER B 209 -4.70 -13.84 -8.73
N GLU B 210 -3.96 -14.73 -9.41
CA GLU B 210 -4.43 -15.32 -10.65
C GLU B 210 -4.48 -16.83 -10.53
N GLU B 211 -5.27 -17.45 -11.40
CA GLU B 211 -5.43 -18.90 -11.32
C GLU B 211 -4.08 -19.58 -11.61
N TYR B 212 -3.49 -20.24 -10.60
CA TYR B 212 -2.19 -20.85 -10.84
C TYR B 212 -2.28 -21.90 -11.95
N ALA B 213 -3.37 -22.66 -11.99
CA ALA B 213 -3.52 -23.71 -12.99
C ALA B 213 -3.31 -23.18 -14.41
N ARG B 214 -3.92 -22.03 -14.74
CA ARG B 214 -3.74 -21.52 -16.09
C ARG B 214 -2.25 -21.31 -16.37
N GLU B 215 -1.54 -20.71 -15.41
CA GLU B 215 -0.12 -20.41 -15.61
C GLU B 215 0.70 -21.68 -15.66
N TYR B 216 0.44 -22.61 -14.74
CA TYR B 216 1.14 -23.89 -14.73
C TYR B 216 0.98 -24.58 -16.09
N GLU B 217 -0.26 -24.72 -16.57
CA GLU B 217 -0.50 -25.41 -17.82
C GLU B 217 0.12 -24.69 -19.00
N GLU B 218 0.15 -23.35 -18.99
CA GLU B 218 0.75 -22.66 -20.13
C GLU B 218 2.26 -22.86 -20.16
N ALA B 219 2.91 -22.66 -19.01
CA ALA B 219 4.36 -22.72 -18.94
C ALA B 219 4.88 -24.14 -19.12
N PHE B 220 4.23 -25.12 -18.50
CA PHE B 220 4.64 -26.50 -18.71
C PHE B 220 4.02 -27.13 -19.95
N ASN B 221 3.06 -26.46 -20.60
CA ASN B 221 2.53 -26.84 -21.89
C ASN B 221 1.90 -28.23 -21.86
N ILE B 222 0.92 -28.38 -20.98
CA ILE B 222 0.14 -29.61 -20.89
C ILE B 222 -1.34 -29.24 -20.75
N ASP B 223 -2.18 -29.96 -21.50
CA ASP B 223 -3.64 -29.80 -21.47
C ASP B 223 -4.15 -30.39 -20.16
N ASP B 224 -5.45 -30.19 -19.88
CA ASP B 224 -5.95 -30.59 -18.56
C ASP B 224 -5.93 -32.10 -18.41
N ASP B 225 -6.25 -32.85 -19.47
CA ASP B 225 -6.27 -34.30 -19.39
C ASP B 225 -4.89 -34.87 -19.15
N GLU B 226 -3.83 -34.11 -19.44
CA GLU B 226 -2.45 -34.58 -19.28
C GLU B 226 -1.92 -34.39 -17.86
N LEU B 227 -2.66 -33.71 -16.99
CA LEU B 227 -2.24 -33.51 -15.61
C LEU B 227 -2.11 -34.85 -14.87
N LYS B 228 -1.12 -34.95 -14.00
CA LYS B 228 -0.95 -36.17 -13.23
C LYS B 228 -0.89 -35.86 -11.73
N MET B 229 -0.78 -36.93 -10.94
CA MET B 229 -0.78 -36.77 -9.49
C MET B 229 0.31 -35.79 -9.04
N ASP B 230 1.52 -35.95 -9.59
CA ASP B 230 2.64 -35.07 -9.26
C ASP B 230 2.39 -33.61 -9.67
N ASP B 231 1.47 -33.37 -10.62
CA ASP B 231 1.17 -32.01 -11.05
C ASP B 231 0.14 -31.36 -10.13
N TYR B 232 -0.79 -32.14 -9.56
CA TYR B 232 -1.68 -31.57 -8.57
C TYR B 232 -0.89 -31.20 -7.32
N ALA B 233 0.07 -32.05 -6.94
CA ALA B 233 0.93 -31.73 -5.81
C ALA B 233 1.63 -30.39 -6.02
N ARG B 234 2.14 -30.14 -7.24
CA ARG B 234 2.76 -28.86 -7.57
C ARG B 234 1.75 -27.73 -7.61
N MET B 235 0.50 -27.99 -8.01
CA MET B 235 -0.47 -26.90 -8.15
C MET B 235 -1.03 -26.48 -6.80
N ILE B 236 -1.12 -27.42 -5.85
CA ILE B 236 -1.59 -27.08 -4.51
C ILE B 236 -0.68 -26.02 -3.89
N THR B 237 0.61 -26.32 -3.81
CA THR B 237 1.58 -25.39 -3.23
C THR B 237 1.80 -24.20 -4.14
N GLY B 238 1.70 -24.41 -5.44
CA GLY B 238 1.85 -23.30 -6.37
C GLY B 238 0.80 -22.23 -6.13
N GLN B 239 -0.47 -22.65 -6.10
CA GLN B 239 -1.60 -21.75 -5.86
C GLN B 239 -1.50 -21.10 -4.47
N TYR B 240 -1.13 -21.88 -3.44
CA TYR B 240 -1.02 -21.32 -2.11
C TYR B 240 0.00 -20.20 -2.06
N ASP B 241 1.21 -20.44 -2.59
CA ASP B 241 2.25 -19.41 -2.57
C ASP B 241 1.79 -18.15 -3.29
N ALA B 242 1.13 -18.31 -4.44
CA ALA B 242 0.60 -17.14 -5.13
C ALA B 242 -0.40 -16.39 -4.27
N ASN B 243 -1.29 -17.13 -3.58
CA ASN B 243 -2.27 -16.46 -2.74
C ASN B 243 -1.62 -15.80 -1.53
N SER B 244 -0.71 -16.50 -0.85
CA SER B 244 0.08 -15.83 0.18
C SER B 244 0.72 -14.55 -0.36
N ARG B 245 1.24 -14.60 -1.59
CA ARG B 245 1.92 -13.44 -2.15
C ARG B 245 1.02 -12.21 -2.11
N GLU B 246 -0.27 -12.38 -2.42
CA GLU B 246 -1.12 -11.20 -2.46
C GLU B 246 -1.51 -10.78 -1.06
N VAL B 247 -1.93 -11.73 -0.22
CA VAL B 247 -2.25 -11.43 1.18
C VAL B 247 -1.13 -10.65 1.85
N ASN B 248 0.12 -11.02 1.58
CA ASN B 248 1.27 -10.30 2.10
C ASN B 248 1.74 -9.15 1.19
N SER B 249 0.95 -8.74 0.20
CA SER B 249 1.40 -7.71 -0.73
C SER B 249 1.47 -6.35 -0.06
N PRO B 250 2.48 -5.53 -0.38
CA PRO B 250 2.50 -4.14 0.10
C PRO B 250 1.35 -3.32 -0.45
N ALA B 251 0.74 -3.77 -1.53
CA ALA B 251 -0.42 -3.11 -2.10
C ALA B 251 -1.73 -3.62 -1.50
N ASN B 252 -1.65 -4.59 -0.59
CA ASN B 252 -2.81 -4.94 0.19
C ASN B 252 -3.23 -3.73 1.00
N GLN B 253 -4.50 -3.37 0.89
CA GLN B 253 -5.04 -2.22 1.58
C GLN B 253 -5.96 -2.61 2.73
N GLY B 254 -6.18 -3.90 2.94
CA GLY B 254 -7.04 -4.40 3.98
C GLY B 254 -7.88 -5.53 3.43
N ILE B 255 -8.13 -5.52 2.12
CA ILE B 255 -8.84 -6.59 1.46
C ILE B 255 -8.03 -7.11 0.28
N VAL B 256 -8.08 -8.43 0.06
CA VAL B 256 -7.35 -9.08 -1.04
C VAL B 256 -8.22 -10.21 -1.61
N PHE B 257 -8.18 -10.36 -2.94
CA PHE B 257 -9.02 -11.33 -3.66
C PHE B 257 -8.19 -12.47 -4.25
N LEU B 258 -8.61 -13.71 -4.01
CA LEU B 258 -7.90 -14.89 -4.47
C LEU B 258 -8.70 -15.56 -5.59
N ASP B 259 -8.04 -15.80 -6.73
CA ASP B 259 -8.71 -16.37 -7.88
C ASP B 259 -9.13 -17.82 -7.66
N THR B 260 -8.36 -18.60 -6.91
CA THR B 260 -8.77 -19.94 -6.59
C THR B 260 -8.14 -20.36 -5.27
N ASP B 261 -8.50 -21.54 -4.81
CA ASP B 261 -8.26 -22.07 -3.49
C ASP B 261 -7.56 -23.43 -3.64
N ALA B 262 -7.14 -24.02 -2.52
CA ALA B 262 -6.76 -25.43 -2.56
C ALA B 262 -7.97 -26.35 -2.63
N ILE B 263 -9.14 -25.88 -2.21
CA ILE B 263 -10.34 -26.70 -2.31
C ILE B 263 -10.72 -26.93 -3.77
N VAL B 264 -10.75 -25.86 -4.57
CA VAL B 264 -11.18 -26.08 -5.94
C VAL B 264 -10.20 -26.97 -6.68
N THR B 265 -8.90 -26.92 -6.35
CA THR B 265 -8.01 -27.89 -6.98
C THR B 265 -8.12 -29.28 -6.35
N ARG B 266 -8.64 -29.39 -5.12
CA ARG B 266 -8.95 -30.71 -4.54
C ARG B 266 -10.20 -31.31 -5.18
N VAL B 267 -11.14 -30.47 -5.64
CA VAL B 267 -12.29 -30.94 -6.40
C VAL B 267 -11.83 -31.51 -7.73
N TYR B 268 -11.06 -30.72 -8.48
CA TYR B 268 -10.51 -31.24 -9.73
C TYR B 268 -9.66 -32.46 -9.51
N ALA B 269 -9.22 -32.72 -8.27
CA ALA B 269 -8.40 -33.88 -7.98
C ALA B 269 -9.19 -35.09 -7.46
N LYS B 270 -10.31 -34.93 -6.73
CA LYS B 270 -11.08 -36.14 -6.41
C LYS B 270 -11.75 -36.67 -7.67
N LEU B 271 -12.23 -35.76 -8.51
CA LEU B 271 -12.48 -36.10 -9.89
C LEU B 271 -11.15 -36.32 -10.60
N TYR B 272 -11.21 -36.81 -11.84
CA TYR B 272 -10.07 -36.79 -12.74
C TYR B 272 -8.76 -37.42 -12.21
N LEU B 273 -8.81 -38.16 -11.10
CA LEU B 273 -7.56 -38.65 -10.53
C LEU B 273 -7.82 -39.92 -9.74
N PRO B 274 -7.14 -41.02 -10.08
CA PRO B 274 -7.37 -42.32 -9.42
C PRO B 274 -7.40 -42.23 -7.90
N LYS B 275 -8.28 -43.03 -7.29
CA LYS B 275 -8.57 -42.89 -5.87
C LYS B 275 -7.33 -43.05 -5.02
N GLU B 276 -6.42 -43.94 -5.39
CA GLU B 276 -5.18 -44.08 -4.63
C GLU B 276 -4.28 -42.87 -4.81
N ASP B 277 -4.20 -42.35 -6.03
CA ASP B 277 -3.43 -41.12 -6.22
C ASP B 277 -4.01 -40.00 -5.38
N PHE B 278 -5.32 -39.74 -5.52
CA PHE B 278 -5.95 -38.70 -4.74
C PHE B 278 -5.70 -38.90 -3.26
N GLU B 279 -5.81 -40.12 -2.78
CA GLU B 279 -5.61 -40.34 -1.35
C GLU B 279 -4.18 -40.07 -0.90
N GLN B 280 -3.19 -40.12 -1.81
CA GLN B 280 -1.84 -39.76 -1.40
C GLN B 280 -1.71 -38.26 -1.19
N LEU B 281 -2.51 -37.49 -1.91
CA LEU B 281 -2.44 -36.04 -1.79
C LEU B 281 -3.20 -35.51 -0.58
N GLU B 282 -4.12 -36.29 -0.01
CA GLU B 282 -4.98 -35.77 1.06
C GLU B 282 -4.21 -35.13 2.20
N PRO B 283 -3.06 -35.65 2.65
CA PRO B 283 -2.30 -34.93 3.70
C PRO B 283 -1.80 -33.56 3.27
N LEU B 284 -1.19 -33.46 2.08
CA LEU B 284 -0.84 -32.14 1.56
C LEU B 284 -2.08 -31.26 1.43
N PHE B 285 -3.23 -31.84 1.11
CA PHE B 285 -4.48 -31.09 1.03
C PHE B 285 -4.90 -30.58 2.39
N ARG B 286 -4.85 -31.45 3.42
CA ARG B 286 -5.22 -31.02 4.76
C ARG B 286 -4.32 -29.90 5.25
N LYS B 287 -2.99 -30.14 5.29
CA LYS B 287 -2.05 -29.13 5.76
C LYS B 287 -2.25 -27.80 5.05
N THR B 288 -2.51 -27.84 3.74
CA THR B 288 -2.63 -26.62 2.96
C THR B 288 -3.96 -25.92 3.23
N ILE B 289 -5.07 -26.68 3.22
CA ILE B 289 -6.37 -26.04 3.42
C ILE B 289 -6.47 -25.47 4.83
N ALA B 290 -5.83 -26.15 5.81
CA ALA B 290 -5.85 -25.65 7.17
C ALA B 290 -5.08 -24.33 7.32
N ASP B 291 -4.05 -24.11 6.52
CA ASP B 291 -3.32 -22.85 6.61
C ASP B 291 -4.01 -21.72 5.85
N GLU B 292 -5.16 -21.98 5.22
CA GLU B 292 -5.92 -20.97 4.49
C GLU B 292 -7.03 -20.39 5.35
N ARG B 293 -7.23 -19.08 5.25
CA ARG B 293 -8.25 -18.34 5.99
C ARG B 293 -9.06 -17.47 5.02
N MET B 294 -10.32 -17.82 4.80
CA MET B 294 -11.19 -17.04 3.92
C MET B 294 -12.33 -16.40 4.72
N ASP B 295 -12.69 -15.17 4.31
CA ASP B 295 -13.77 -14.44 4.94
C ASP B 295 -15.08 -14.53 4.15
N LEU B 296 -14.98 -14.46 2.83
CA LEU B 296 -16.12 -14.57 1.94
C LEU B 296 -15.73 -15.44 0.75
N ILE B 297 -16.58 -16.39 0.41
CA ILE B 297 -16.34 -17.33 -0.69
C ILE B 297 -17.41 -17.12 -1.75
N LEU B 298 -17.02 -16.55 -2.88
CA LEU B 298 -17.95 -16.36 -3.98
C LEU B 298 -17.86 -17.54 -4.93
N VAL B 299 -19.00 -18.15 -5.21
CA VAL B 299 -19.08 -19.30 -6.09
C VAL B 299 -19.88 -18.89 -7.31
N ILE B 300 -19.29 -19.11 -8.48
CA ILE B 300 -19.99 -18.88 -9.75
C ILE B 300 -20.65 -20.19 -10.14
N PRO B 301 -21.97 -20.27 -10.14
CA PRO B 301 -22.63 -21.54 -10.43
C PRO B 301 -22.64 -21.79 -11.93
N PRO B 302 -22.84 -23.04 -12.34
CA PRO B 302 -22.74 -23.38 -13.77
C PRO B 302 -23.79 -22.65 -14.58
N ILE B 303 -23.33 -21.77 -15.46
CA ILE B 303 -24.22 -20.97 -16.32
C ILE B 303 -24.16 -21.56 -17.72
N THR B 304 -25.33 -21.84 -18.30
CA THR B 304 -25.41 -22.50 -19.60
C THR B 304 -25.09 -21.53 -20.74
N ARG B 312 -8.08 -21.09 -22.01
CA ARG B 312 -9.10 -22.06 -22.41
C ARG B 312 -8.78 -23.46 -21.88
N HIS B 313 -9.37 -23.81 -20.73
CA HIS B 313 -9.32 -25.16 -20.19
C HIS B 313 -10.12 -26.11 -21.08
N MET B 314 -9.50 -27.22 -21.47
CA MET B 314 -10.13 -28.11 -22.44
C MET B 314 -11.03 -29.15 -21.78
N GLU B 315 -10.50 -29.88 -20.79
CA GLU B 315 -11.23 -30.96 -20.12
C GLU B 315 -12.10 -30.49 -18.97
N TRP B 316 -11.67 -29.46 -18.23
CA TRP B 316 -12.42 -28.96 -17.09
C TRP B 316 -13.66 -28.18 -17.47
N GLU B 317 -13.82 -27.82 -18.75
CA GLU B 317 -15.02 -27.11 -19.19
C GLU B 317 -16.25 -28.00 -19.09
N GLU B 318 -16.22 -29.15 -19.75
CA GLU B 318 -17.39 -30.04 -19.75
C GLU B 318 -17.61 -30.57 -18.33
N SER B 319 -18.83 -31.05 -18.08
CA SER B 319 -19.23 -31.53 -16.77
C SER B 319 -19.04 -30.45 -15.72
N ARG B 320 -19.87 -29.42 -15.85
CA ARG B 320 -19.87 -28.30 -14.91
C ARG B 320 -20.65 -28.66 -13.65
N HIS B 321 -21.85 -29.23 -13.81
CA HIS B 321 -22.65 -29.63 -12.66
C HIS B 321 -21.95 -30.74 -11.88
N GLU B 322 -21.24 -31.63 -12.57
CA GLU B 322 -20.38 -32.58 -11.88
C GLU B 322 -19.41 -31.85 -10.97
N PHE B 323 -18.69 -30.85 -11.50
CA PHE B 323 -17.80 -30.06 -10.66
C PHE B 323 -18.56 -29.28 -9.60
N HIS B 324 -19.73 -28.74 -9.96
CA HIS B 324 -20.40 -27.84 -9.03
C HIS B 324 -20.91 -28.59 -7.81
N GLU B 325 -21.48 -29.79 -7.98
CA GLU B 325 -21.96 -30.51 -6.81
C GLU B 325 -20.82 -30.98 -5.94
N GLU B 326 -19.76 -31.51 -6.55
CA GLU B 326 -18.61 -31.95 -5.76
C GLU B 326 -17.99 -30.77 -5.02
N LEU B 327 -18.00 -29.58 -5.62
CA LEU B 327 -17.47 -28.40 -4.95
C LEU B 327 -18.26 -28.07 -3.70
N MET B 328 -19.59 -28.16 -3.77
CA MET B 328 -20.44 -27.91 -2.60
C MET B 328 -20.34 -29.05 -1.58
N ARG B 329 -20.24 -30.29 -2.07
CA ARG B 329 -19.92 -31.42 -1.21
C ARG B 329 -18.72 -31.09 -0.34
N GLN B 330 -17.62 -30.67 -0.98
CA GLN B 330 -16.41 -30.35 -0.26
C GLN B 330 -16.59 -29.15 0.65
N LEU B 331 -17.26 -28.09 0.15
CA LEU B 331 -17.43 -26.88 0.94
C LEU B 331 -18.16 -27.16 2.25
N ALA B 332 -19.10 -28.10 2.23
CA ALA B 332 -19.72 -28.54 3.47
C ALA B 332 -18.73 -29.33 4.32
N GLU B 333 -17.95 -30.23 3.69
CA GLU B 333 -16.96 -31.03 4.41
C GLU B 333 -16.11 -30.18 5.33
N PHE B 334 -15.84 -28.93 4.95
CA PHE B 334 -14.96 -28.06 5.72
C PHE B 334 -15.73 -26.99 6.46
N GLY B 335 -17.05 -27.16 6.60
CA GLY B 335 -17.86 -26.25 7.41
C GLY B 335 -17.75 -24.79 6.99
N LEU B 336 -17.40 -24.56 5.73
CA LEU B 336 -17.22 -23.22 5.20
C LEU B 336 -18.49 -22.66 4.57
N LEU B 337 -19.63 -23.31 4.76
CA LEU B 337 -20.83 -22.89 4.06
C LEU B 337 -21.28 -21.50 4.49
N ASP B 338 -21.18 -21.21 5.80
N ASP B 338 -21.21 -21.21 5.80
CA ASP B 338 -21.62 -19.92 6.32
CA ASP B 338 -21.65 -19.91 6.30
C ASP B 338 -20.95 -18.74 5.61
C ASP B 338 -20.95 -18.74 5.61
N LYS B 339 -19.78 -18.95 5.00
CA LYS B 339 -19.04 -17.89 4.32
C LYS B 339 -19.27 -17.88 2.81
N VAL B 340 -20.18 -18.69 2.31
CA VAL B 340 -20.32 -18.90 0.87
C VAL B 340 -21.50 -18.12 0.35
N VAL B 341 -21.31 -17.48 -0.81
CA VAL B 341 -22.33 -16.75 -1.52
C VAL B 341 -22.36 -17.27 -2.94
N ILE B 342 -23.55 -17.54 -3.47
CA ILE B 342 -23.72 -18.13 -4.79
C ILE B 342 -24.27 -17.06 -5.73
N LEU B 343 -23.59 -16.85 -6.86
CA LEU B 343 -23.93 -15.78 -7.79
C LEU B 343 -24.91 -16.28 -8.85
N ASP B 344 -26.15 -16.46 -8.42
CA ASP B 344 -27.27 -16.74 -9.30
C ASP B 344 -27.83 -15.42 -9.85
N ASP B 345 -28.76 -15.54 -10.79
CA ASP B 345 -29.48 -14.38 -11.33
C ASP B 345 -30.92 -14.75 -11.68
N GLY B 354 -33.86 -9.96 -7.19
CA GLY B 354 -32.69 -9.90 -6.32
C GLY B 354 -31.60 -8.97 -6.81
N TYR B 355 -30.81 -9.41 -7.80
CA TYR B 355 -29.65 -8.66 -8.28
C TYR B 355 -29.71 -8.45 -9.79
N LEU B 356 -28.93 -7.48 -10.24
CA LEU B 356 -28.95 -6.98 -11.61
C LEU B 356 -28.05 -7.79 -12.54
N THR B 357 -26.79 -7.94 -12.18
CA THR B 357 -25.81 -8.74 -12.88
C THR B 357 -25.03 -9.54 -11.85
N ARG B 358 -24.31 -10.57 -12.30
CA ARG B 358 -23.50 -11.31 -11.33
C ARG B 358 -22.46 -10.41 -10.68
N TYR B 359 -21.96 -9.41 -11.40
CA TYR B 359 -21.06 -8.44 -10.77
C TYR B 359 -21.74 -7.70 -9.63
N HIS B 360 -22.93 -7.15 -9.90
CA HIS B 360 -23.70 -6.44 -8.88
C HIS B 360 -23.89 -7.29 -7.64
N HIS B 361 -24.34 -8.53 -7.86
CA HIS B 361 -24.51 -9.48 -6.78
C HIS B 361 -23.22 -9.64 -6.00
N ALA B 362 -22.12 -9.85 -6.69
CA ALA B 362 -20.87 -10.13 -6.01
C ALA B 362 -20.33 -8.90 -5.27
N ILE B 363 -20.28 -7.75 -5.95
CA ILE B 363 -19.74 -6.56 -5.31
C ILE B 363 -20.56 -6.20 -4.08
N ASP B 364 -21.86 -6.50 -4.11
CA ASP B 364 -22.67 -6.23 -2.94
C ASP B 364 -22.35 -7.21 -1.83
N ALA B 365 -22.05 -8.46 -2.20
CA ALA B 365 -21.61 -9.44 -1.22
C ALA B 365 -20.38 -8.93 -0.49
N VAL B 366 -19.43 -8.41 -1.27
CA VAL B 366 -18.21 -7.83 -0.70
C VAL B 366 -18.57 -6.70 0.25
N HIS B 367 -19.55 -5.88 -0.13
CA HIS B 367 -20.03 -4.84 0.77
C HIS B 367 -20.51 -5.44 2.09
N GLU B 368 -21.34 -6.47 1.99
CA GLU B 368 -21.93 -7.08 3.18
C GLU B 368 -20.87 -7.70 4.08
N TYR B 369 -19.85 -8.33 3.49
CA TYR B 369 -18.95 -9.20 4.26
C TYR B 369 -17.66 -8.53 4.72
N THR B 370 -17.32 -7.37 4.15
CA THR B 370 -16.10 -6.66 4.53
C THR B 370 -16.35 -5.23 4.96
N GLY B 371 -17.48 -4.65 4.59
CA GLY B 371 -17.84 -3.34 5.09
C GLY B 371 -17.26 -2.20 4.30
N VAL B 372 -17.00 -2.41 3.06
CA VAL B 372 -16.42 -1.39 2.22
C VAL B 372 -17.53 -0.63 1.54
N LYS B 373 -17.30 0.66 1.35
CA LYS B 373 -18.27 1.53 0.71
C LYS B 373 -18.18 1.34 -0.82
N ILE B 374 -19.34 1.23 -1.47
CA ILE B 374 -19.43 1.00 -2.92
C ILE B 374 -20.47 1.95 -3.48
N GLU B 375 -20.13 2.63 -4.58
CA GLU B 375 -21.06 3.59 -5.14
C GLU B 375 -22.07 2.91 -6.05
N ARG B 376 -23.20 3.57 -6.21
CA ARG B 376 -24.22 3.06 -7.10
C ARG B 376 -24.20 3.91 -8.36
N LEU B 377 -24.75 3.36 -9.44
CA LEU B 377 -24.78 4.09 -10.71
C LEU B 377 -26.03 4.96 -10.85
N SER B 378 -27.21 4.35 -10.77
CA SER B 378 -28.43 5.13 -10.87
C SER B 378 -28.99 5.43 -9.49
N TYR B 379 -30.03 6.26 -9.46
CA TYR B 379 -30.69 6.57 -8.21
C TYR B 379 -31.60 5.38 -7.87
PG ANP C . 6.08 16.53 -16.79
O1G ANP C . 7.58 16.42 -16.80
O2G ANP C . 5.46 16.62 -18.17
O3G ANP C . 5.55 17.57 -15.82
PB ANP C . 4.87 14.91 -14.53
O1B ANP C . 5.32 13.61 -13.92
O2B ANP C . 3.39 15.21 -14.61
N3B ANP C . 5.52 15.00 -16.16
PA ANP C . 7.13 16.17 -13.46
O1A ANP C . 7.67 17.24 -14.39
O2A ANP C . 7.41 16.24 -11.98
O3A ANP C . 5.53 16.09 -13.66
O5' ANP C . 7.62 14.74 -14.00
C5' ANP C . 8.39 13.87 -13.16
C4' ANP C . 7.44 12.97 -12.38
O4' ANP C . 8.18 11.88 -11.82
C3' ANP C . 6.77 13.72 -11.24
O3' ANP C . 5.37 13.82 -11.48
C2' ANP C . 7.09 12.93 -9.97
O2' ANP C . 5.92 12.43 -9.31
C1' ANP C . 7.97 11.77 -10.40
N9 ANP C . 9.28 11.85 -9.69
C8 ANP C . 10.46 11.39 -10.17
N7 ANP C . 11.46 11.61 -9.29
C5 ANP C . 10.93 12.22 -8.21
C6 ANP C . 11.43 12.74 -6.92
N6 ANP C . 12.74 12.64 -6.58
N1 ANP C . 10.54 13.31 -6.08
C2 ANP C . 9.24 13.43 -6.40
N3 ANP C . 8.71 12.98 -7.56
C4 ANP C . 9.50 12.38 -8.49
PA NAD D . 8.87 8.31 -14.34
O1A NAD D . 10.36 8.48 -14.46
O2A NAD D . 7.98 8.54 -15.54
O5B NAD D . 8.35 9.25 -13.14
C5B NAD D . 8.93 10.54 -12.93
C4B NAD D . 7.90 11.50 -12.37
O4B NAD D . 7.75 11.28 -10.96
C3B NAD D . 8.32 12.95 -12.58
O3B NAD D . 7.32 13.63 -13.36
C2B NAD D . 8.48 13.54 -11.19
O2B NAD D . 7.62 14.66 -10.96
C1B NAD D . 8.16 12.43 -10.21
N9A NAD D . 9.37 12.09 -9.42
C8A NAD D . 10.23 11.09 -9.69
N7A NAD D . 11.23 11.04 -8.79
C5A NAD D . 11.02 12.02 -7.90
C6A NAD D . 11.70 12.54 -6.69
N6A NAD D . 12.84 11.96 -6.22
N1A NAD D . 11.14 13.59 -6.05
C2A NAD D . 10.02 14.17 -6.50
N3A NAD D . 9.35 13.77 -7.59
C4A NAD D . 9.79 12.71 -8.32
O3 NAD D . 8.57 6.83 -13.78
PN NAD D . 9.33 5.56 -14.41
O1N NAD D . 9.41 5.76 -15.91
O2N NAD D . 10.59 5.32 -13.62
O5D NAD D . 8.32 4.35 -14.12
C5D NAD D . 8.63 3.02 -14.53
C4D NAD D . 9.33 3.06 -15.87
O4D NAD D . 10.23 1.94 -15.99
C3D NAD D . 8.34 2.97 -17.02
O3D NAD D . 8.32 4.21 -17.74
C2D NAD D . 8.80 1.80 -17.88
O2D NAD D . 9.08 2.19 -19.23
C1D NAD D . 10.05 1.25 -17.23
N1N NAD D . 9.89 -0.18 -16.99
C2N NAD D . 8.67 -0.69 -16.81
C3N NAD D . 8.50 -2.05 -16.58
C7N NAD D . 7.11 -2.61 -16.39
O7N NAD D . 6.18 -1.85 -16.23
N7N NAD D . 6.95 -3.93 -16.39
C4N NAD D . 9.60 -2.89 -16.54
C5N NAD D . 10.87 -2.33 -16.73
C6N NAD D . 10.98 -0.97 -16.95
P PO4 E . -15.13 13.91 -12.06
O1 PO4 E . -15.16 12.73 -12.99
O2 PO4 E . -15.42 15.16 -12.84
O3 PO4 E . -13.77 14.03 -11.41
O4 PO4 E . -16.21 13.73 -11.00
PG ANP F . 4.03 -17.86 12.22
O1G ANP F . 4.09 -18.82 11.05
O2G ANP F . 5.27 -17.01 12.38
O3G ANP F . 3.57 -18.50 13.51
PB ANP F . 1.35 -17.28 10.92
O1B ANP F . 1.85 -17.96 9.67
O2B ANP F . 0.40 -16.12 10.79
N3B ANP F . 2.76 -16.73 11.82
PA ANP F . -0.98 -18.62 11.70
O1A ANP F . -1.66 -17.28 11.75
O2A ANP F . -1.37 -19.70 12.69
O3A ANP F . 0.61 -18.41 11.80
O5' ANP F . -1.17 -19.23 10.23
C5' ANP F . -0.74 -18.50 9.08
C4' ANP F . -1.42 -17.14 9.06
O4' ANP F . -1.07 -16.44 7.86
C3' ANP F . -2.93 -17.26 9.10
O3' ANP F . -3.44 -16.70 10.31
C2' ANP F . -3.45 -16.56 7.86
O2' ANP F . -4.33 -15.47 8.17
C1' ANP F . -2.23 -16.03 7.13
N9 ANP F . -2.17 -16.61 5.76
C8 ANP F . -1.09 -17.13 5.17
N7 ANP F . -1.37 -17.57 3.92
C5 ANP F . -2.68 -17.33 3.69
C6 ANP F . -3.63 -17.54 2.57
N6 ANP F . -3.23 -18.12 1.41
N1 ANP F . -4.91 -17.14 2.75
C2 ANP F . -5.32 -16.57 3.89
N3 ANP F . -4.51 -16.34 4.95
C4 ANP F . -3.21 -16.70 4.91
PA NAD G . 3.77 -17.68 5.22
O1A NAD G . 3.79 -18.73 4.13
O2A NAD G . 4.33 -18.00 6.58
O5B NAD G . 2.25 -17.17 5.41
C5B NAD G . 1.26 -18.06 5.90
C4B NAD G . 0.26 -17.28 6.75
O4B NAD G . -0.52 -16.44 5.91
C3B NAD G . -0.69 -18.22 7.49
O3B NAD G . -0.56 -18.03 8.90
C2B NAD G . -2.09 -17.90 6.97
O2B NAD G . -2.98 -17.46 8.01
C1B NAD G . -1.92 -16.79 5.94
N9A NAD G . -2.34 -17.27 4.61
C8A NAD G . -1.56 -17.91 3.72
N7A NAD G . -2.25 -18.22 2.59
C5A NAD G . -3.50 -17.75 2.75
C6A NAD G . -4.74 -17.74 1.93
N6A NAD G . -4.78 -18.29 0.70
N1A NAD G . -5.84 -17.16 2.47
C2A NAD G . -5.81 -16.60 3.69
N3A NAD G . -4.72 -16.58 4.49
C4A NAD G . -3.56 -17.13 4.08
O3 NAD G . 4.52 -16.36 4.67
PN NAD G . 5.94 -16.49 3.93
O1N NAD G . 6.79 -17.46 4.71
O2N NAD G . 5.69 -16.71 2.46
O5D NAD G . 6.58 -15.02 4.11
C5D NAD G . 7.79 -14.68 3.46
C4D NAD G . 8.32 -15.90 2.72
O4D NAD G . 9.00 -15.50 1.53
C3D NAD G . 9.31 -16.68 3.59
O3D NAD G . 8.75 -17.95 3.94
C2D NAD G . 10.58 -16.80 2.76
O2D NAD G . 10.96 -18.17 2.52
C1D NAD G . 10.28 -16.11 1.43
N1N NAD G . 11.31 -15.09 1.17
C2N NAD G . 12.24 -14.83 2.11
C3N NAD G . 13.21 -13.87 1.88
C7N NAD G . 14.24 -13.59 2.94
O7N NAD G . 14.38 -12.44 3.34
N7N NAD G . 14.98 -14.60 3.40
C4N NAD G . 13.23 -13.18 0.68
C5N NAD G . 12.26 -13.46 -0.26
C6N NAD G . 11.30 -14.43 0.01
#